data_7YCB
#
_entry.id   7YCB
#
_cell.length_a   123.160
_cell.length_b   123.160
_cell.length_c   130.140
_cell.angle_alpha   90.000
_cell.angle_beta   90.000
_cell.angle_gamma   120.000
#
_symmetry.space_group_name_H-M   'P 63'
#
loop_
_entity.id
_entity.type
_entity.pdbx_description
1 polymer 'Hydroxynitrile lyase'
2 non-polymer benzaldehyde
3 non-polymer 'CHLORIDE ION'
4 non-polymer 'SULFATE ION'
5 non-polymer GLYCEROL
6 water water
#
_entity_poly.entity_id   1
_entity_poly.type   'polypeptide(L)'
_entity_poly.pdbx_seq_one_letter_code
;MLYYVSILLMAVYAVAVADEDPMTCDKLPKVPVPPLEEFIKSNPLQFAYVLTDTFDCTTRVYVQPARLSPNQAATALDIR
GSRIITNDFVGGPNNSAILNNCTTGEKATWYFQYTNLNTPNGSSYCAYTCNGEEIAEYKCANNNNGTDPLQKQAVEVAKK
VPNGDKIHYALDNCPEHHGCFAFY
;
_entity_poly.pdbx_strand_id   A,B,C,D
#
loop_
_chem_comp.id
_chem_comp.type
_chem_comp.name
_chem_comp.formula
CL non-polymer 'CHLORIDE ION' 'Cl -1'
GOL non-polymer GLYCEROL 'C3 H8 O3'
HBX non-polymer benzaldehyde 'C7 H6 O'
SO4 non-polymer 'SULFATE ION' 'O4 S -2'
#
# COMPACT_ATOMS: atom_id res chain seq x y z
N ASP A 19 7.79 3.10 24.57
CA ASP A 19 8.52 3.34 23.30
C ASP A 19 7.62 3.04 22.10
N GLU A 20 8.09 3.42 20.91
CA GLU A 20 7.26 4.03 19.91
C GLU A 20 7.32 3.22 18.61
N ASP A 21 6.22 3.28 17.85
CA ASP A 21 6.10 2.54 16.61
C ASP A 21 7.04 3.11 15.55
N PRO A 22 7.50 2.29 14.57
CA PRO A 22 8.22 2.81 13.40
C PRO A 22 7.38 3.83 12.62
N MET A 23 8.04 4.86 12.11
CA MET A 23 7.29 5.99 11.61
C MET A 23 7.31 6.08 10.08
N THR A 24 8.29 5.43 9.45
CA THR A 24 8.43 5.39 7.99
C THR A 24 8.64 3.92 7.55
N CYS A 25 8.38 3.59 6.27
CA CYS A 25 8.35 2.21 5.81
C CYS A 25 9.74 1.56 5.95
N ASP A 26 10.80 2.37 5.72
CA ASP A 26 12.19 1.93 5.79
C ASP A 26 12.55 1.46 7.20
N LYS A 27 11.73 1.79 8.22
CA LYS A 27 11.98 1.45 9.62
C LYS A 27 11.08 0.31 10.12
N LEU A 28 10.21 -0.23 9.28
CA LEU A 28 9.39 -1.34 9.73
C LEU A 28 10.29 -2.54 10.11
N PRO A 29 9.86 -3.42 11.03
CA PRO A 29 10.57 -4.66 11.31
C PRO A 29 10.71 -5.57 10.09
N LYS A 30 11.75 -6.42 10.17
CA LYS A 30 12.15 -7.41 9.16
C LYS A 30 12.53 -8.71 9.86
N VAL A 31 11.57 -9.63 9.99
CA VAL A 31 11.82 -10.93 10.59
C VAL A 31 12.42 -11.83 9.51
N PRO A 32 13.10 -12.96 9.91
CA PRO A 32 13.64 -13.93 8.96
C PRO A 32 12.52 -14.51 8.12
N VAL A 33 12.74 -14.61 6.81
CA VAL A 33 11.87 -15.37 5.93
C VAL A 33 11.84 -16.80 6.47
N PRO A 34 10.68 -17.33 6.94
CA PRO A 34 10.60 -18.71 7.38
C PRO A 34 11.06 -19.63 6.25
N PRO A 35 11.53 -20.87 6.57
CA PRO A 35 11.82 -21.85 5.52
C PRO A 35 10.62 -21.91 4.59
N LEU A 36 10.87 -22.03 3.29
CA LEU A 36 9.77 -22.16 2.35
C LEU A 36 8.73 -23.18 2.82
N GLU A 37 9.18 -24.28 3.43
CA GLU A 37 8.30 -25.38 3.77
C GLU A 37 7.23 -24.93 4.77
N GLU A 38 7.52 -23.93 5.62
CA GLU A 38 6.53 -23.40 6.58
C GLU A 38 5.39 -22.69 5.83
N PHE A 39 5.75 -22.01 4.73
CA PHE A 39 4.77 -21.33 3.90
C PHE A 39 3.89 -22.32 3.18
N ILE A 40 4.51 -23.35 2.57
CA ILE A 40 3.77 -24.35 1.81
C ILE A 40 2.79 -25.09 2.73
N LYS A 41 3.24 -25.46 3.94
CA LYS A 41 2.34 -26.05 4.93
C LYS A 41 1.19 -25.11 5.31
N SER A 42 1.34 -23.78 5.16
CA SER A 42 0.26 -22.82 5.38
C SER A 42 -0.76 -22.69 4.22
N ASN A 43 -0.40 -23.15 3.00
CA ASN A 43 -1.26 -23.10 1.81
C ASN A 43 -2.65 -23.68 2.08
N PRO A 44 -3.72 -23.09 1.54
CA PRO A 44 -3.73 -21.72 1.01
C PRO A 44 -4.10 -20.66 2.06
N LEU A 45 -3.69 -19.40 1.81
CA LEU A 45 -4.03 -18.29 2.69
C LEU A 45 -4.89 -17.27 1.96
N GLN A 46 -5.49 -16.34 2.73
CA GLN A 46 -6.25 -15.25 2.15
C GLN A 46 -5.70 -13.94 2.73
N PHE A 47 -5.75 -12.88 1.91
CA PHE A 47 -5.27 -11.57 2.33
C PHE A 47 -6.42 -10.83 3.00
N ALA A 48 -6.30 -10.68 4.33
CA ALA A 48 -7.27 -9.94 5.10
C ALA A 48 -7.06 -8.43 4.92
N TYR A 49 -5.78 -7.98 4.83
CA TYR A 49 -5.45 -6.56 4.69
C TYR A 49 -4.41 -6.38 3.60
N VAL A 50 -4.68 -5.43 2.70
CA VAL A 50 -3.83 -5.09 1.56
C VAL A 50 -3.85 -3.56 1.36
N LEU A 51 -2.90 -3.02 0.58
CA LEU A 51 -2.83 -1.59 0.30
C LEU A 51 -3.60 -1.25 -1.00
N THR A 52 -3.17 -1.74 -2.16
CA THR A 52 -3.90 -1.48 -3.39
C THR A 52 -4.98 -2.54 -3.56
N ASP A 53 -5.95 -2.19 -4.41
CA ASP A 53 -7.22 -2.88 -4.54
C ASP A 53 -7.05 -4.17 -5.35
N THR A 54 -5.94 -4.21 -6.09
CA THR A 54 -5.50 -5.37 -6.86
C THR A 54 -5.61 -6.67 -6.06
N PHE A 55 -5.28 -6.63 -4.75
CA PHE A 55 -5.18 -7.84 -3.96
C PHE A 55 -6.37 -8.02 -3.02
N ASP A 56 -7.49 -7.37 -3.33
CA ASP A 56 -8.73 -7.69 -2.66
C ASP A 56 -9.20 -9.09 -3.09
N CYS A 57 -9.99 -9.71 -2.21
CA CYS A 57 -10.67 -10.95 -2.51
C CYS A 57 -9.68 -11.97 -3.10
N THR A 58 -8.51 -12.13 -2.45
CA THR A 58 -7.40 -12.86 -3.04
C THR A 58 -6.94 -14.02 -2.13
N THR A 59 -6.56 -15.15 -2.77
CA THR A 59 -5.97 -16.34 -2.14
C THR A 59 -4.49 -16.47 -2.55
N ARG A 60 -3.63 -16.71 -1.57
CA ARG A 60 -2.20 -16.92 -1.80
C ARG A 60 -1.87 -18.42 -1.72
N VAL A 61 -1.05 -18.88 -2.69
CA VAL A 61 -0.48 -20.21 -2.73
C VAL A 61 1.01 -20.06 -2.99
N TYR A 62 1.82 -20.67 -2.13
CA TYR A 62 3.24 -20.74 -2.40
C TYR A 62 3.56 -22.04 -3.15
N VAL A 63 4.62 -21.96 -3.98
CA VAL A 63 5.05 -23.04 -4.86
C VAL A 63 6.57 -23.11 -4.78
N GLN A 64 7.06 -24.35 -4.64
CA GLN A 64 8.49 -24.62 -4.56
C GLN A 64 9.08 -24.33 -5.94
N PRO A 65 10.40 -24.13 -6.06
CA PRO A 65 11.01 -24.01 -7.40
C PRO A 65 10.75 -25.30 -8.16
N ALA A 66 10.57 -25.22 -9.48
CA ALA A 66 10.55 -26.41 -10.34
C ALA A 66 11.89 -27.16 -10.24
N ARG A 67 11.79 -28.49 -10.35
CA ARG A 67 12.95 -29.37 -10.39
C ARG A 67 14.03 -28.78 -11.31
N LEU A 68 13.64 -28.32 -12.52
CA LEU A 68 14.60 -27.88 -13.53
C LEU A 68 14.83 -26.37 -13.53
N SER A 69 14.26 -25.65 -12.55
CA SER A 69 14.52 -24.23 -12.40
C SER A 69 16.02 -23.99 -12.34
N PRO A 70 16.57 -23.23 -13.29
CA PRO A 70 17.98 -22.82 -13.24
C PRO A 70 18.37 -21.97 -12.04
N ASN A 71 17.42 -21.22 -11.44
CA ASN A 71 17.76 -20.27 -10.40
C ASN A 71 17.17 -20.64 -9.04
N GLN A 72 16.39 -21.72 -9.00
CA GLN A 72 15.81 -22.30 -7.80
C GLN A 72 15.00 -21.25 -7.02
N ALA A 73 14.27 -20.39 -7.76
CA ALA A 73 13.32 -19.44 -7.16
C ALA A 73 11.96 -20.11 -6.91
N ALA A 74 11.40 -19.86 -5.72
CA ALA A 74 10.00 -20.18 -5.43
C ALA A 74 9.08 -19.17 -6.13
N THR A 75 7.78 -19.45 -6.08
CA THR A 75 6.74 -18.64 -6.70
C THR A 75 5.59 -18.42 -5.70
N ALA A 76 5.17 -17.16 -5.56
CA ALA A 76 3.93 -16.73 -4.89
C ALA A 76 2.83 -16.52 -5.93
N LEU A 77 1.71 -17.20 -5.74
CA LEU A 77 0.56 -17.09 -6.60
C LEU A 77 -0.48 -16.25 -5.85
N ASP A 78 -0.93 -15.16 -6.51
CA ASP A 78 -2.02 -14.34 -6.01
C ASP A 78 -3.20 -14.53 -6.97
N ILE A 79 -4.23 -15.15 -6.41
CA ILE A 79 -5.33 -15.70 -7.16
C ILE A 79 -6.64 -15.01 -6.77
N ARG A 80 -7.25 -14.40 -7.79
CA ARG A 80 -8.50 -13.66 -7.63
C ARG A 80 -9.50 -14.15 -8.65
N GLY A 81 -10.43 -15.02 -8.22
CA GLY A 81 -11.32 -15.69 -9.16
C GLY A 81 -10.54 -16.46 -10.21
N SER A 82 -10.64 -16.03 -11.47
CA SER A 82 -10.03 -16.69 -12.63
C SER A 82 -8.79 -15.95 -13.09
N ARG A 83 -8.32 -14.99 -12.28
CA ARG A 83 -7.11 -14.25 -12.59
C ARG A 83 -6.04 -14.67 -11.59
N ILE A 84 -4.78 -14.57 -12.02
CA ILE A 84 -3.64 -14.87 -11.18
C ILE A 84 -2.53 -13.87 -11.46
N ILE A 85 -1.88 -13.39 -10.39
CA ILE A 85 -0.62 -12.70 -10.49
C ILE A 85 0.46 -13.62 -9.91
N THR A 86 1.61 -13.71 -10.58
CA THR A 86 2.66 -14.62 -10.15
C THR A 86 3.95 -13.85 -10.05
N ASN A 87 4.73 -14.18 -9.01
CA ASN A 87 6.04 -13.60 -8.74
C ASN A 87 6.97 -14.71 -8.25
N ASP A 88 8.02 -15.01 -9.01
CA ASP A 88 9.16 -15.74 -8.47
C ASP A 88 9.78 -14.94 -7.33
N PHE A 89 10.34 -15.63 -6.33
CA PHE A 89 11.12 -14.92 -5.32
C PHE A 89 12.32 -15.74 -4.86
N VAL A 90 13.33 -15.03 -4.36
CA VAL A 90 14.53 -15.57 -3.76
C VAL A 90 14.90 -14.70 -2.57
N GLY A 91 15.66 -15.27 -1.64
CA GLY A 91 16.18 -14.55 -0.48
C GLY A 91 17.15 -13.46 -0.92
N GLY A 92 17.16 -12.37 -0.17
CA GLY A 92 18.11 -11.31 -0.41
C GLY A 92 18.68 -10.83 0.92
N PRO A 93 19.58 -9.84 0.88
CA PRO A 93 20.14 -9.29 2.11
C PRO A 93 19.08 -8.62 3.01
N ASN A 94 19.41 -8.57 4.30
CA ASN A 94 18.63 -7.90 5.32
C ASN A 94 17.28 -8.59 5.52
N ASN A 95 17.21 -9.90 5.19
CA ASN A 95 16.00 -10.71 5.36
C ASN A 95 14.95 -10.28 4.32
N SER A 96 15.41 -9.84 3.15
CA SER A 96 14.50 -9.49 2.06
C SER A 96 14.10 -10.75 1.29
N ALA A 97 12.95 -10.66 0.59
CA ALA A 97 12.61 -11.46 -0.57
C ALA A 97 12.60 -10.58 -1.82
N ILE A 98 13.37 -10.99 -2.85
CA ILE A 98 13.41 -10.25 -4.10
C ILE A 98 12.46 -10.95 -5.07
N LEU A 99 11.46 -10.20 -5.57
CA LEU A 99 10.41 -10.73 -6.44
C LEU A 99 10.70 -10.38 -7.91
N ASN A 100 10.31 -11.29 -8.80
CA ASN A 100 10.34 -11.05 -10.23
C ASN A 100 8.94 -11.32 -10.77
N ASN A 101 8.19 -10.28 -11.13
CA ASN A 101 6.90 -10.46 -11.76
C ASN A 101 7.07 -11.33 -12.99
N CYS A 102 6.35 -12.46 -13.07
CA CYS A 102 6.53 -13.41 -14.17
C CYS A 102 6.00 -12.85 -15.50
N THR A 103 5.04 -11.92 -15.41
CA THR A 103 4.35 -11.29 -16.54
C THR A 103 5.17 -10.11 -17.10
N THR A 104 5.78 -9.28 -16.26
CA THR A 104 6.43 -8.05 -16.71
C THR A 104 7.94 -8.02 -16.54
N GLY A 105 8.52 -8.84 -15.63
CA GLY A 105 9.95 -8.77 -15.33
C GLY A 105 10.29 -7.68 -14.30
N GLU A 106 9.25 -7.05 -13.74
CA GLU A 106 9.43 -6.04 -12.71
C GLU A 106 9.90 -6.70 -11.40
N LYS A 107 10.93 -6.11 -10.79
CA LYS A 107 11.52 -6.61 -9.55
C LYS A 107 10.98 -5.76 -8.41
N ALA A 108 10.90 -6.33 -7.21
CA ALA A 108 10.59 -5.55 -6.02
C ALA A 108 11.15 -6.30 -4.81
N THR A 109 11.71 -5.52 -3.86
CA THR A 109 12.30 -5.98 -2.61
C THR A 109 11.24 -5.90 -1.51
N TRP A 110 10.89 -7.07 -0.96
CA TRP A 110 9.88 -7.20 0.09
C TRP A 110 10.53 -7.62 1.39
N TYR A 111 9.78 -7.45 2.49
CA TYR A 111 10.17 -7.87 3.81
C TYR A 111 8.94 -8.34 4.57
N PHE A 112 9.17 -9.04 5.69
CA PHE A 112 8.10 -9.51 6.55
C PHE A 112 8.11 -8.67 7.80
N GLN A 113 6.94 -8.12 8.16
CA GLN A 113 6.81 -7.34 9.38
C GLN A 113 6.86 -8.29 10.58
N TYR A 114 6.16 -9.42 10.43
CA TYR A 114 6.20 -10.56 11.34
C TYR A 114 5.73 -11.78 10.53
N THR A 115 6.11 -12.98 11.02
CA THR A 115 5.46 -14.21 10.61
C THR A 115 5.08 -14.96 11.88
N ASN A 116 3.97 -15.67 11.78
CA ASN A 116 3.50 -16.54 12.84
C ASN A 116 2.85 -17.75 12.19
N LEU A 117 3.68 -18.59 11.57
CA LEU A 117 3.19 -19.71 10.79
C LEU A 117 3.06 -21.00 11.62
N ASN A 118 1.97 -21.73 11.36
CA ASN A 118 1.77 -23.13 11.71
C ASN A 118 1.67 -23.24 13.23
N THR A 119 0.89 -22.33 13.84
CA THR A 119 0.63 -22.35 15.26
C THR A 119 -0.52 -23.32 15.45
N PRO A 120 -0.86 -23.68 16.71
CA PRO A 120 -2.08 -24.46 16.93
C PRO A 120 -3.36 -23.74 16.46
N ASN A 121 -3.28 -22.44 16.17
CA ASN A 121 -4.43 -21.68 15.66
C ASN A 121 -4.20 -21.27 14.21
N GLY A 122 -3.27 -21.94 13.52
CA GLY A 122 -2.99 -21.68 12.11
C GLY A 122 -1.87 -20.66 11.91
N SER A 123 -1.87 -20.10 10.69
CA SER A 123 -0.83 -19.19 10.23
C SER A 123 -1.36 -17.77 9.98
N SER A 124 -0.52 -16.78 10.28
CA SER A 124 -0.68 -15.44 9.74
C SER A 124 0.71 -14.85 9.49
N TYR A 125 0.77 -13.85 8.61
CA TYR A 125 1.92 -12.99 8.48
C TYR A 125 1.47 -11.66 7.83
N CYS A 126 2.34 -10.64 7.92
CA CYS A 126 2.23 -9.41 7.13
C CYS A 126 3.57 -9.14 6.48
N ALA A 127 3.50 -8.84 5.19
CA ALA A 127 4.63 -8.50 4.34
C ALA A 127 4.40 -7.15 3.63
N TYR A 128 5.50 -6.47 3.27
CA TYR A 128 5.46 -5.17 2.65
C TYR A 128 6.63 -4.91 1.71
N THR A 129 6.40 -3.95 0.80
CA THR A 129 7.46 -3.37 0.00
C THR A 129 7.33 -1.84 0.07
N CYS A 130 8.47 -1.17 0.23
CA CYS A 130 8.54 0.28 0.39
C CYS A 130 8.88 0.98 -0.94
N ASN A 131 8.43 2.23 -1.03
CA ASN A 131 8.93 3.21 -1.98
C ASN A 131 9.65 4.26 -1.15
N GLY A 132 10.90 3.99 -0.81
CA GLY A 132 11.62 4.81 0.16
C GLY A 132 10.96 4.78 1.53
N GLU A 133 10.41 5.94 1.96
CA GLU A 133 9.82 6.05 3.29
C GLU A 133 8.33 5.73 3.27
N GLU A 134 7.74 5.63 2.09
CA GLU A 134 6.33 5.30 2.00
CA GLU A 134 6.33 5.32 1.94
C GLU A 134 6.20 3.80 1.72
N ILE A 135 5.08 3.23 2.15
CA ILE A 135 4.75 1.85 1.83
C ILE A 135 4.05 1.82 0.47
N ALA A 136 4.58 0.97 -0.41
CA ALA A 136 4.09 0.84 -1.77
C ALA A 136 3.07 -0.30 -1.89
N GLU A 137 3.26 -1.38 -1.11
CA GLU A 137 2.30 -2.48 -1.09
C GLU A 137 2.38 -3.21 0.23
N TYR A 138 1.26 -3.84 0.59
CA TYR A 138 1.09 -4.48 1.88
C TYR A 138 0.19 -5.69 1.70
N LYS A 139 0.64 -6.86 2.22
CA LYS A 139 -0.16 -8.08 2.17
C LYS A 139 -0.10 -8.78 3.53
N CYS A 140 -1.24 -8.79 4.21
CA CYS A 140 -1.41 -9.55 5.43
C CYS A 140 -2.27 -10.76 5.10
N ALA A 141 -1.66 -11.96 5.24
CA ALA A 141 -2.36 -13.20 4.94
C ALA A 141 -2.61 -14.02 6.21
N ASN A 142 -3.63 -14.87 6.17
CA ASN A 142 -3.91 -15.81 7.22
C ASN A 142 -4.75 -16.96 6.68
N ASN A 143 -4.87 -18.03 7.50
CA ASN A 143 -5.77 -19.13 7.22
C ASN A 143 -6.67 -19.44 8.43
N ASN A 144 -6.83 -18.46 9.34
CA ASN A 144 -7.57 -18.64 10.59
C ASN A 144 -8.64 -17.56 10.80
N ASN A 145 -9.20 -17.06 9.68
CA ASN A 145 -10.27 -16.08 9.72
C ASN A 145 -9.90 -14.83 10.52
N GLY A 146 -8.64 -14.41 10.45
CA GLY A 146 -8.19 -13.14 11.02
C GLY A 146 -8.11 -13.13 12.54
N THR A 147 -7.89 -14.29 13.19
CA THR A 147 -8.01 -14.34 14.65
C THR A 147 -6.68 -14.18 15.36
N ASP A 148 -5.57 -14.01 14.61
CA ASP A 148 -4.26 -13.86 15.23
C ASP A 148 -4.09 -12.43 15.77
N PRO A 149 -3.98 -12.20 17.11
CA PRO A 149 -3.75 -10.86 17.67
C PRO A 149 -2.56 -10.10 17.09
N LEU A 150 -1.52 -10.83 16.63
CA LEU A 150 -0.32 -10.22 16.06
C LEU A 150 -0.68 -9.44 14.79
N GLN A 151 -1.61 -9.99 14.01
CA GLN A 151 -2.01 -9.42 12.72
C GLN A 151 -2.62 -8.03 12.92
N LYS A 152 -3.54 -7.94 13.87
CA LYS A 152 -4.22 -6.71 14.18
C LYS A 152 -3.26 -5.60 14.56
N GLN A 153 -2.26 -5.91 15.42
CA GLN A 153 -1.30 -4.90 15.87
C GLN A 153 -0.35 -4.57 14.71
N ALA A 154 -0.07 -5.54 13.81
CA ALA A 154 0.84 -5.29 12.70
C ALA A 154 0.21 -4.26 11.74
N VAL A 155 -1.09 -4.43 11.49
CA VAL A 155 -1.85 -3.59 10.58
C VAL A 155 -1.91 -2.14 11.10
N GLU A 156 -2.15 -1.98 12.38
CA GLU A 156 -2.21 -0.69 13.02
C GLU A 156 -0.89 0.05 12.85
N VAL A 157 0.24 -0.65 13.02
CA VAL A 157 1.56 -0.04 12.92
C VAL A 157 1.81 0.40 11.46
N ALA A 158 1.45 -0.47 10.51
CA ALA A 158 1.76 -0.25 9.10
C ALA A 158 0.91 0.89 8.54
N LYS A 159 -0.34 0.99 9.00
CA LYS A 159 -1.24 2.03 8.49
C LYS A 159 -0.67 3.43 8.74
N LYS A 160 0.13 3.57 9.79
CA LYS A 160 0.63 4.86 10.24
C LYS A 160 1.85 5.36 9.48
N VAL A 161 2.48 4.55 8.61
CA VAL A 161 3.63 5.06 7.87
C VAL A 161 3.12 5.80 6.63
N PRO A 162 3.95 6.61 5.95
CA PRO A 162 3.51 7.35 4.77
C PRO A 162 2.89 6.41 3.73
N ASN A 163 1.65 6.73 3.31
CA ASN A 163 0.85 5.99 2.34
C ASN A 163 0.09 4.83 2.98
N GLY A 164 0.26 4.60 4.29
CA GLY A 164 -0.30 3.43 4.94
C GLY A 164 -1.80 3.55 5.19
N ASP A 165 -2.31 4.79 5.07
CA ASP A 165 -3.73 5.11 5.19
C ASP A 165 -4.53 4.37 4.12
N LYS A 166 -3.95 4.01 2.97
CA LYS A 166 -4.66 3.23 1.95
C LYS A 166 -4.88 1.75 2.32
N ILE A 167 -4.17 1.23 3.35
CA ILE A 167 -4.30 -0.15 3.78
C ILE A 167 -5.72 -0.35 4.27
N HIS A 168 -6.34 -1.44 3.83
CA HIS A 168 -7.75 -1.66 4.12
C HIS A 168 -8.04 -3.17 4.22
N TYR A 169 -9.17 -3.47 4.87
CA TYR A 169 -9.72 -4.80 4.89
C TYR A 169 -10.12 -5.21 3.48
N ALA A 170 -9.71 -6.43 3.09
CA ALA A 170 -9.70 -6.83 1.70
C ALA A 170 -10.76 -7.88 1.38
N LEU A 171 -11.61 -8.26 2.35
CA LEU A 171 -12.47 -9.43 2.21
C LEU A 171 -13.96 -9.07 2.39
N ASP A 172 -14.36 -7.85 2.06
CA ASP A 172 -15.76 -7.47 2.06
C ASP A 172 -16.31 -7.61 0.63
N ASN A 173 -17.53 -8.16 0.53
CA ASN A 173 -18.30 -8.20 -0.71
C ASN A 173 -17.50 -8.91 -1.81
N CYS A 174 -16.86 -10.01 -1.44
CA CYS A 174 -16.17 -10.85 -2.41
C CYS A 174 -17.19 -11.74 -3.11
N PRO A 175 -16.94 -12.17 -4.36
CA PRO A 175 -17.90 -12.97 -5.12
C PRO A 175 -18.25 -14.28 -4.42
N GLU A 176 -19.44 -14.78 -4.77
CA GLU A 176 -20.01 -16.00 -4.22
C GLU A 176 -19.20 -17.19 -4.74
N HIS A 177 -19.00 -18.18 -3.86
CA HIS A 177 -18.29 -19.40 -4.23
C HIS A 177 -19.27 -20.39 -4.86
N HIS A 178 -18.75 -21.39 -5.60
CA HIS A 178 -19.58 -22.43 -6.21
C HIS A 178 -19.01 -23.82 -5.91
N GLY A 179 -19.00 -24.14 -4.60
CA GLY A 179 -18.55 -25.44 -4.12
C GLY A 179 -17.20 -25.42 -3.39
N CYS A 180 -16.28 -24.53 -3.76
CA CYS A 180 -14.92 -24.53 -3.22
C CYS A 180 -14.75 -23.53 -2.10
N PHE A 181 -13.93 -23.88 -1.11
CA PHE A 181 -13.81 -23.07 0.08
C PHE A 181 -12.90 -21.87 -0.16
N ALA A 182 -11.81 -22.08 -0.90
CA ALA A 182 -10.72 -21.11 -0.95
C ALA A 182 -10.62 -20.43 -2.32
N PHE A 183 -11.45 -20.88 -3.28
CA PHE A 183 -11.42 -20.44 -4.67
C PHE A 183 -12.84 -20.19 -5.15
N TYR A 184 -12.98 -19.42 -6.24
CA TYR A 184 -14.30 -18.98 -6.71
C TYR A 184 -14.31 -18.58 -8.18
N MET B 23 -31.22 12.73 11.17
CA MET B 23 -31.27 11.30 11.58
C MET B 23 -30.57 10.44 10.53
N THR B 24 -30.62 10.79 9.22
CA THR B 24 -29.78 10.13 8.22
C THR B 24 -28.79 11.13 7.57
N CYS B 25 -27.69 10.62 6.97
CA CYS B 25 -26.53 11.46 6.63
C CYS B 25 -26.94 12.57 5.65
N ASP B 26 -27.71 12.17 4.64
CA ASP B 26 -28.14 13.05 3.55
C ASP B 26 -28.98 14.23 4.05
N LYS B 27 -29.50 14.19 5.29
CA LYS B 27 -30.31 15.26 5.87
C LYS B 27 -29.55 16.02 6.95
N LEU B 28 -28.25 15.75 7.12
CA LEU B 28 -27.54 16.49 8.16
C LEU B 28 -27.51 17.97 7.77
N PRO B 29 -27.31 18.89 8.74
CA PRO B 29 -27.10 20.30 8.42
C PRO B 29 -25.90 20.56 7.50
N LYS B 30 -25.96 21.72 6.83
CA LYS B 30 -24.96 22.15 5.84
C LYS B 30 -24.80 23.66 5.94
N VAL B 31 -24.00 24.09 6.91
CA VAL B 31 -23.68 25.48 7.11
C VAL B 31 -22.76 25.93 5.97
N PRO B 32 -22.71 27.25 5.67
CA PRO B 32 -21.89 27.77 4.59
C PRO B 32 -20.43 27.54 4.98
N VAL B 33 -19.62 27.18 3.99
CA VAL B 33 -18.19 27.07 4.19
C VAL B 33 -17.69 28.48 4.54
N PRO B 34 -17.07 28.70 5.72
CA PRO B 34 -16.47 29.99 6.03
C PRO B 34 -15.41 30.38 5.00
N PRO B 35 -15.10 31.69 4.89
CA PRO B 35 -13.94 32.13 4.13
C PRO B 35 -12.67 31.38 4.54
N LEU B 36 -11.83 31.07 3.56
CA LEU B 36 -10.61 30.30 3.76
C LEU B 36 -9.75 30.90 4.87
N GLU B 37 -9.71 32.25 4.91
CA GLU B 37 -8.92 32.97 5.89
C GLU B 37 -9.31 32.57 7.32
N GLU B 38 -10.60 32.26 7.56
CA GLU B 38 -11.08 31.92 8.90
C GLU B 38 -10.50 30.55 9.32
N PHE B 39 -10.37 29.62 8.37
CA PHE B 39 -9.71 28.33 8.60
C PHE B 39 -8.23 28.51 8.90
N ILE B 40 -7.58 29.32 8.07
CA ILE B 40 -6.15 29.52 8.24
C ILE B 40 -5.85 30.20 9.57
N LYS B 41 -6.74 31.09 10.04
CA LYS B 41 -6.53 31.74 11.33
C LYS B 41 -6.70 30.74 12.47
N SER B 42 -7.42 29.63 12.26
CA SER B 42 -7.63 28.57 13.25
C SER B 42 -6.45 27.59 13.36
N ASN B 43 -5.56 27.53 12.34
CA ASN B 43 -4.44 26.61 12.27
C ASN B 43 -3.54 26.65 13.51
N PRO B 44 -3.00 25.51 13.99
CA PRO B 44 -3.40 24.16 13.58
C PRO B 44 -4.56 23.69 14.44
N LEU B 45 -5.32 22.71 13.93
CA LEU B 45 -6.37 22.09 14.72
C LEU B 45 -6.03 20.60 14.97
N GLN B 46 -6.85 19.97 15.82
CA GLN B 46 -6.78 18.51 16.04
C GLN B 46 -8.18 17.94 15.97
N PHE B 47 -8.32 16.70 15.50
CA PHE B 47 -9.65 16.07 15.44
C PHE B 47 -9.95 15.40 16.79
N ALA B 48 -11.04 15.86 17.45
CA ALA B 48 -11.47 15.34 18.74
C ALA B 48 -12.32 14.08 18.54
N TYR B 49 -13.09 14.04 17.44
CA TYR B 49 -13.98 12.94 17.12
C TYR B 49 -13.91 12.69 15.63
N VAL B 50 -13.78 11.42 15.24
CA VAL B 50 -13.74 10.99 13.85
C VAL B 50 -14.46 9.64 13.72
N LEU B 51 -14.74 9.20 12.50
CA LEU B 51 -15.48 7.97 12.28
C LEU B 51 -14.50 6.78 12.17
N THR B 52 -13.75 6.69 11.08
CA THR B 52 -12.76 5.63 10.90
C THR B 52 -11.54 5.90 11.77
N ASP B 53 -10.60 4.95 11.75
CA ASP B 53 -9.38 4.99 12.52
C ASP B 53 -8.34 5.91 11.87
N THR B 54 -8.55 6.25 10.59
CA THR B 54 -7.57 6.98 9.79
C THR B 54 -7.18 8.30 10.48
N PHE B 55 -8.15 9.00 11.10
CA PHE B 55 -7.92 10.38 11.53
C PHE B 55 -7.78 10.50 13.03
N ASP B 56 -7.47 9.38 13.69
CA ASP B 56 -7.00 9.39 15.07
C ASP B 56 -5.65 10.12 15.14
N CYS B 57 -5.46 10.77 16.28
CA CYS B 57 -4.21 11.42 16.67
C CYS B 57 -3.68 12.31 15.54
N THR B 58 -4.61 13.09 14.92
CA THR B 58 -4.27 13.83 13.71
C THR B 58 -4.37 15.34 13.94
N THR B 59 -3.40 16.08 13.34
CA THR B 59 -3.39 17.53 13.26
C THR B 59 -3.79 17.96 11.86
N ARG B 60 -4.69 18.96 11.80
CA ARG B 60 -5.13 19.56 10.55
C ARG B 60 -4.44 20.92 10.34
N VAL B 61 -3.90 21.12 9.12
CA VAL B 61 -3.46 22.42 8.64
C VAL B 61 -4.12 22.71 7.30
N TYR B 62 -4.67 23.93 7.21
CA TYR B 62 -5.19 24.48 5.96
C TYR B 62 -4.14 25.35 5.26
N VAL B 63 -4.10 25.23 3.93
CA VAL B 63 -3.11 25.92 3.12
C VAL B 63 -3.83 26.65 1.99
N GLN B 64 -3.46 27.92 1.80
CA GLN B 64 -4.00 28.72 0.71
C GLN B 64 -3.51 28.13 -0.61
N PRO B 65 -4.22 28.41 -1.74
CA PRO B 65 -3.71 28.03 -3.06
C PRO B 65 -2.32 28.60 -3.30
N ALA B 66 -1.44 27.86 -3.99
CA ALA B 66 -0.19 28.39 -4.54
C ALA B 66 -0.53 29.53 -5.50
N ARG B 67 0.31 30.56 -5.49
CA ARG B 67 0.03 31.72 -6.33
C ARG B 67 0.05 31.36 -7.82
N LEU B 68 0.79 30.31 -8.22
CA LEU B 68 0.77 29.85 -9.61
C LEU B 68 -0.22 28.72 -9.89
N SER B 69 -1.00 28.27 -8.89
CA SER B 69 -1.99 27.24 -9.14
C SER B 69 -3.00 27.77 -10.16
N PRO B 70 -3.20 27.09 -11.32
CA PRO B 70 -4.27 27.46 -12.25
C PRO B 70 -5.67 27.38 -11.66
N ASN B 71 -5.97 26.39 -10.82
CA ASN B 71 -7.34 26.23 -10.33
C ASN B 71 -7.59 26.96 -9.01
N GLN B 72 -6.52 27.47 -8.36
CA GLN B 72 -6.59 28.17 -7.09
C GLN B 72 -7.31 27.36 -6.00
N ALA B 73 -7.18 26.02 -5.99
CA ALA B 73 -7.78 25.25 -4.91
C ALA B 73 -6.92 25.42 -3.65
N ALA B 74 -7.56 25.53 -2.47
CA ALA B 74 -6.87 25.43 -1.20
C ALA B 74 -6.54 23.95 -0.91
N THR B 75 -5.76 23.68 0.13
CA THR B 75 -5.36 22.33 0.47
C THR B 75 -5.60 22.04 1.95
N ALA B 76 -6.20 20.89 2.26
CA ALA B 76 -6.30 20.44 3.65
C ALA B 76 -5.22 19.37 3.88
N LEU B 77 -4.39 19.58 4.91
CA LEU B 77 -3.33 18.69 5.35
C LEU B 77 -3.77 17.93 6.60
N ASP B 78 -3.80 16.59 6.49
CA ASP B 78 -4.09 15.75 7.64
C ASP B 78 -2.80 15.00 8.01
N ILE B 79 -2.25 15.38 9.16
CA ILE B 79 -0.91 15.04 9.61
C ILE B 79 -0.98 14.20 10.88
N ARG B 80 -0.38 13.00 10.78
CA ARG B 80 -0.31 12.03 11.87
C ARG B 80 1.11 11.49 11.92
N GLY B 81 1.93 12.11 12.79
CA GLY B 81 3.35 11.84 12.89
C GLY B 81 4.08 12.23 11.61
N SER B 82 4.68 11.22 10.94
CA SER B 82 5.45 11.43 9.71
C SER B 82 4.58 11.21 8.48
N ARG B 83 3.33 10.81 8.70
CA ARG B 83 2.36 10.59 7.64
C ARG B 83 1.56 11.88 7.37
N ILE B 84 1.36 12.18 6.07
CA ILE B 84 0.49 13.27 5.66
C ILE B 84 -0.46 12.76 4.57
N ILE B 85 -1.76 13.09 4.75
CA ILE B 85 -2.81 12.93 3.76
C ILE B 85 -3.18 14.33 3.25
N THR B 86 -3.13 14.53 1.92
CA THR B 86 -3.39 15.86 1.35
C THR B 86 -4.60 15.81 0.41
N ASN B 87 -5.45 16.84 0.52
CA ASN B 87 -6.62 17.02 -0.33
C ASN B 87 -6.72 18.52 -0.70
N ASP B 88 -6.62 18.83 -2.00
CA ASP B 88 -7.11 20.10 -2.50
C ASP B 88 -8.63 20.06 -2.32
N PHE B 89 -9.23 21.24 -2.13
CA PHE B 89 -10.68 21.33 -2.08
C PHE B 89 -11.12 22.65 -2.70
N VAL B 90 -12.36 22.67 -3.24
CA VAL B 90 -13.02 23.87 -3.76
C VAL B 90 -14.48 23.80 -3.35
N GLY B 91 -15.14 24.97 -3.38
CA GLY B 91 -16.58 25.08 -3.17
C GLY B 91 -17.36 24.29 -4.23
N GLY B 92 -18.49 23.71 -3.85
CA GLY B 92 -19.41 23.07 -4.76
C GLY B 92 -20.84 23.47 -4.42
N PRO B 93 -21.88 22.95 -5.12
CA PRO B 93 -23.27 23.29 -4.80
C PRO B 93 -23.66 22.83 -3.40
N ASN B 94 -24.53 23.63 -2.76
CA ASN B 94 -25.23 23.28 -1.54
C ASN B 94 -24.28 23.36 -0.34
N ASN B 95 -23.37 24.34 -0.37
CA ASN B 95 -22.45 24.53 0.71
C ASN B 95 -21.55 23.29 0.86
N SER B 96 -21.22 22.65 -0.28
CA SER B 96 -20.32 21.51 -0.29
C SER B 96 -18.88 21.98 -0.52
N ALA B 97 -17.95 21.13 -0.07
CA ALA B 97 -16.55 21.20 -0.41
C ALA B 97 -16.20 19.91 -1.16
N ILE B 98 -15.64 20.08 -2.35
CA ILE B 98 -15.25 18.98 -3.21
C ILE B 98 -13.73 18.80 -3.06
N LEU B 99 -13.33 17.63 -2.53
CA LEU B 99 -11.94 17.30 -2.28
C LEU B 99 -11.36 16.49 -3.43
N ASN B 100 -10.10 16.77 -3.75
CA ASN B 100 -9.33 15.98 -4.70
C ASN B 100 -8.13 15.40 -3.95
N ASN B 101 -8.14 14.08 -3.74
CA ASN B 101 -7.01 13.42 -3.08
C ASN B 101 -5.77 13.60 -3.95
N CYS B 102 -4.69 14.16 -3.38
CA CYS B 102 -3.54 14.54 -4.18
C CYS B 102 -2.67 13.35 -4.66
N THR B 103 -2.83 12.18 -4.02
CA THR B 103 -2.10 10.98 -4.44
C THR B 103 -2.89 10.19 -5.49
N THR B 104 -4.22 10.29 -5.53
CA THR B 104 -5.01 9.41 -6.39
C THR B 104 -5.92 10.17 -7.35
N GLY B 105 -6.23 11.43 -7.06
CA GLY B 105 -7.15 12.18 -7.91
C GLY B 105 -8.61 11.82 -7.68
N GLU B 106 -8.93 11.05 -6.65
CA GLU B 106 -10.34 10.77 -6.38
C GLU B 106 -10.95 11.92 -5.59
N LYS B 107 -12.26 12.06 -5.78
CA LYS B 107 -13.08 13.17 -5.32
C LYS B 107 -13.99 12.72 -4.21
N ALA B 108 -14.22 13.60 -3.23
CA ALA B 108 -15.18 13.34 -2.18
C ALA B 108 -15.94 14.62 -1.88
N THR B 109 -17.24 14.47 -1.62
CA THR B 109 -18.13 15.60 -1.36
C THR B 109 -18.41 15.70 0.14
N TRP B 110 -17.99 16.84 0.71
CA TRP B 110 -18.03 17.07 2.13
C TRP B 110 -18.96 18.24 2.46
N TYR B 111 -19.49 18.25 3.70
CA TYR B 111 -20.29 19.37 4.18
C TYR B 111 -19.89 19.67 5.62
N PHE B 112 -20.25 20.88 6.05
CA PHE B 112 -20.05 21.28 7.44
C PHE B 112 -21.35 21.18 8.22
N GLN B 113 -21.34 20.35 9.26
CA GLN B 113 -22.45 20.26 10.17
C GLN B 113 -22.65 21.61 10.85
N TYR B 114 -21.54 22.19 11.32
CA TYR B 114 -21.50 23.51 11.94
C TYR B 114 -20.05 24.00 11.84
N THR B 115 -19.87 25.32 11.92
CA THR B 115 -18.55 25.90 12.13
C THR B 115 -18.68 26.93 13.25
N ASN B 116 -17.60 27.09 14.04
CA ASN B 116 -17.52 28.06 15.09
C ASN B 116 -16.07 28.50 15.25
N LEU B 117 -15.60 29.28 14.27
CA LEU B 117 -14.19 29.59 14.10
C LEU B 117 -13.87 30.94 14.73
N ASN B 118 -12.70 30.96 15.40
CA ASN B 118 -12.06 32.16 15.94
C ASN B 118 -13.02 32.90 16.90
N THR B 119 -13.69 32.16 17.79
CA THR B 119 -14.33 32.75 18.97
C THR B 119 -13.24 33.15 19.96
N PRO B 120 -13.57 33.91 21.03
CA PRO B 120 -12.60 34.16 22.10
C PRO B 120 -12.12 32.93 22.86
N ASN B 121 -12.72 31.77 22.58
CA ASN B 121 -12.32 30.51 23.19
C ASN B 121 -11.81 29.61 22.07
N GLY B 122 -11.44 30.21 20.91
CA GLY B 122 -10.88 29.47 19.80
C GLY B 122 -11.92 28.98 18.82
N SER B 123 -11.54 27.90 18.11
CA SER B 123 -12.27 27.38 16.96
C SER B 123 -12.69 25.94 17.14
N SER B 124 -13.83 25.62 16.54
CA SER B 124 -14.25 24.25 16.38
C SER B 124 -15.17 24.17 15.18
N TYR B 125 -15.29 22.94 14.64
CA TYR B 125 -16.21 22.63 13.57
C TYR B 125 -16.34 21.13 13.51
N CYS B 126 -17.42 20.66 12.85
CA CYS B 126 -17.60 19.26 12.50
C CYS B 126 -18.02 19.23 11.04
N ALA B 127 -17.34 18.39 10.26
CA ALA B 127 -17.56 18.15 8.84
C ALA B 127 -17.76 16.64 8.64
N TYR B 128 -18.36 16.28 7.51
CA TYR B 128 -18.73 14.90 7.25
C TYR B 128 -18.85 14.70 5.75
N THR B 129 -18.74 13.44 5.32
CA THR B 129 -19.02 13.04 3.94
C THR B 129 -19.92 11.81 3.99
N CYS B 130 -20.84 11.67 3.03
CA CYS B 130 -21.90 10.67 3.13
C CYS B 130 -21.64 9.49 2.21
N ASN B 131 -22.21 8.34 2.58
CA ASN B 131 -22.44 7.26 1.65
C ASN B 131 -23.95 6.99 1.69
N GLY B 132 -24.68 7.69 0.81
CA GLY B 132 -26.14 7.77 0.86
C GLY B 132 -26.65 8.32 2.19
N GLU B 133 -27.33 7.44 2.93
CA GLU B 133 -27.93 7.78 4.22
C GLU B 133 -26.98 7.45 5.38
N GLU B 134 -25.88 6.75 5.07
CA GLU B 134 -24.78 6.50 5.99
C GLU B 134 -23.73 7.61 5.94
N ILE B 135 -23.15 7.91 7.11
CA ILE B 135 -21.97 8.75 7.18
C ILE B 135 -20.71 7.89 6.93
N ALA B 136 -19.97 8.23 5.87
CA ALA B 136 -18.75 7.52 5.48
C ALA B 136 -17.54 8.02 6.27
N GLU B 137 -17.47 9.35 6.55
CA GLU B 137 -16.40 9.85 7.42
C GLU B 137 -16.84 11.14 8.12
N TYR B 138 -16.25 11.36 9.29
CA TYR B 138 -16.60 12.44 10.19
C TYR B 138 -15.30 13.00 10.74
N LYS B 139 -15.23 14.35 10.79
CA LYS B 139 -14.09 15.02 11.38
C LYS B 139 -14.59 16.22 12.19
N CYS B 140 -14.43 16.17 13.51
CA CYS B 140 -14.73 17.28 14.38
C CYS B 140 -13.41 17.84 14.86
N ALA B 141 -13.09 19.07 14.41
CA ALA B 141 -11.83 19.66 14.72
C ALA B 141 -11.98 20.78 15.74
N ASN B 142 -10.93 21.01 16.51
CA ASN B 142 -10.87 22.17 17.38
C ASN B 142 -9.42 22.46 17.70
N ASN B 143 -9.19 23.63 18.31
CA ASN B 143 -7.93 24.08 18.84
C ASN B 143 -8.12 24.62 20.27
N ASN B 144 -9.12 24.10 20.98
CA ASN B 144 -9.41 24.56 22.34
C ASN B 144 -9.60 23.41 23.34
N ASN B 145 -8.91 22.28 23.14
CA ASN B 145 -9.10 21.10 23.96
C ASN B 145 -10.56 20.67 24.09
N GLY B 146 -11.35 20.83 23.03
CA GLY B 146 -12.61 20.14 22.95
C GLY B 146 -13.67 20.72 23.88
N THR B 147 -13.59 22.03 24.19
CA THR B 147 -14.47 22.68 25.15
C THR B 147 -15.62 23.46 24.51
N ASP B 148 -15.79 23.42 23.19
CA ASP B 148 -16.92 24.07 22.54
C ASP B 148 -18.18 23.21 22.79
N PRO B 149 -19.21 23.71 23.52
CA PRO B 149 -20.44 22.93 23.73
C PRO B 149 -21.12 22.52 22.43
N LEU B 150 -20.94 23.31 21.34
CA LEU B 150 -21.46 22.93 20.03
C LEU B 150 -20.95 21.56 19.55
N GLN B 151 -19.68 21.25 19.86
CA GLN B 151 -19.06 20.03 19.37
C GLN B 151 -19.73 18.82 20.03
N LYS B 152 -20.05 18.94 21.33
CA LYS B 152 -20.79 17.88 22.01
C LYS B 152 -22.13 17.60 21.32
N GLN B 153 -22.99 18.63 21.19
CA GLN B 153 -24.31 18.46 20.56
C GLN B 153 -24.15 17.82 19.18
N ALA B 154 -23.20 18.31 18.36
CA ALA B 154 -23.08 17.85 16.99
C ALA B 154 -22.75 16.34 16.91
N VAL B 155 -21.84 15.90 17.78
CA VAL B 155 -21.37 14.51 17.80
C VAL B 155 -22.55 13.59 18.14
N GLU B 156 -23.30 13.96 19.20
CA GLU B 156 -24.47 13.22 19.64
C GLU B 156 -25.46 13.05 18.50
N VAL B 157 -25.67 14.11 17.67
CA VAL B 157 -26.57 14.00 16.51
C VAL B 157 -26.00 13.02 15.50
N ALA B 158 -24.71 13.20 15.13
CA ALA B 158 -24.09 12.42 14.07
C ALA B 158 -23.95 10.93 14.46
N LYS B 159 -23.77 10.66 15.77
CA LYS B 159 -23.64 9.29 16.24
C LYS B 159 -24.88 8.44 15.99
N LYS B 160 -26.02 9.08 15.71
CA LYS B 160 -27.31 8.40 15.58
C LYS B 160 -27.66 8.22 14.12
N VAL B 161 -26.83 8.75 13.23
CA VAL B 161 -26.98 8.54 11.80
C VAL B 161 -26.49 7.13 11.52
N PRO B 162 -26.98 6.44 10.46
CA PRO B 162 -26.45 5.13 10.09
C PRO B 162 -24.93 5.22 9.95
N ASN B 163 -24.25 4.20 10.52
CA ASN B 163 -22.79 4.02 10.52
C ASN B 163 -22.11 4.90 11.57
N GLY B 164 -22.86 5.84 12.18
CA GLY B 164 -22.32 6.82 13.10
C GLY B 164 -22.03 6.24 14.48
N ASP B 165 -22.41 4.98 14.70
CA ASP B 165 -22.04 4.26 15.92
C ASP B 165 -20.50 4.17 15.97
N LYS B 166 -19.83 4.21 14.82
CA LYS B 166 -18.36 4.15 14.75
C LYS B 166 -17.65 5.43 15.21
N ILE B 167 -18.32 6.59 15.21
CA ILE B 167 -17.70 7.84 15.60
C ILE B 167 -17.16 7.68 17.03
N HIS B 168 -15.92 8.12 17.30
CA HIS B 168 -15.31 7.90 18.62
C HIS B 168 -14.33 9.04 18.91
N TYR B 169 -13.92 9.15 20.18
CA TYR B 169 -12.92 10.10 20.61
C TYR B 169 -11.58 9.66 20.06
N ALA B 170 -10.84 10.63 19.50
CA ALA B 170 -9.80 10.33 18.52
C ALA B 170 -8.42 10.61 19.10
N LEU B 171 -8.37 11.07 20.36
CA LEU B 171 -7.16 11.56 20.97
C LEU B 171 -6.79 10.74 22.22
N ASP B 172 -7.29 9.50 22.35
CA ASP B 172 -6.83 8.62 23.42
C ASP B 172 -5.56 7.88 23.01
N ASN B 173 -4.58 7.93 23.92
CA ASN B 173 -3.36 7.14 23.83
C ASN B 173 -2.64 7.44 22.53
N CYS B 174 -2.39 8.74 22.29
CA CYS B 174 -1.65 9.18 21.12
C CYS B 174 -0.16 9.15 21.45
N PRO B 175 0.74 9.11 20.45
CA PRO B 175 2.18 9.09 20.74
C PRO B 175 2.63 10.31 21.55
N GLU B 176 3.72 10.11 22.31
CA GLU B 176 4.41 11.15 23.05
C GLU B 176 5.03 12.13 22.06
N HIS B 177 5.21 13.36 22.53
CA HIS B 177 5.77 14.44 21.75
C HIS B 177 7.23 14.56 22.12
N HIS B 178 8.01 15.31 21.34
CA HIS B 178 9.42 15.56 21.60
C HIS B 178 9.71 17.04 21.44
N GLY B 179 8.94 17.85 22.19
CA GLY B 179 9.18 19.27 22.36
C GLY B 179 8.24 20.13 21.52
N CYS B 180 7.45 19.54 20.62
CA CYS B 180 6.52 20.31 19.83
C CYS B 180 5.13 20.07 20.38
N PHE B 181 4.28 21.11 20.36
CA PHE B 181 2.96 21.06 20.95
C PHE B 181 1.97 20.34 20.04
N ALA B 182 2.00 20.58 18.71
CA ALA B 182 0.91 20.13 17.84
C ALA B 182 1.33 18.96 16.93
N PHE B 183 2.63 18.57 16.98
CA PHE B 183 3.17 17.57 16.09
C PHE B 183 4.09 16.64 16.88
N TYR B 184 4.27 15.40 16.35
CA TYR B 184 5.06 14.37 17.03
C TYR B 184 5.82 13.53 16.01
N MET C 23 -8.58 -49.71 -26.23
CA MET C 23 -9.75 -49.64 -27.15
C MET C 23 -10.51 -48.37 -26.80
N THR C 24 -11.27 -48.43 -25.71
CA THR C 24 -12.29 -47.44 -25.41
C THR C 24 -11.88 -46.78 -24.07
N CYS C 25 -12.41 -45.58 -23.79
CA CYS C 25 -11.95 -44.74 -22.67
C CYS C 25 -12.24 -45.38 -21.31
N ASP C 26 -13.47 -45.90 -21.15
CA ASP C 26 -13.93 -46.66 -20.00
C ASP C 26 -13.10 -47.91 -19.71
N LYS C 27 -12.16 -48.32 -20.59
CA LYS C 27 -11.35 -49.52 -20.38
C LYS C 27 -9.90 -49.13 -20.12
N LEU C 28 -9.63 -47.84 -19.92
CA LEU C 28 -8.25 -47.43 -19.70
C LEU C 28 -7.84 -47.81 -18.28
N PRO C 29 -6.51 -47.97 -18.02
CA PRO C 29 -6.02 -48.19 -16.65
C PRO C 29 -6.48 -47.08 -15.68
N LYS C 30 -6.54 -47.45 -14.39
CA LYS C 30 -6.99 -46.63 -13.28
C LYS C 30 -6.10 -46.94 -12.08
N VAL C 31 -4.81 -46.56 -12.17
CA VAL C 31 -3.85 -46.67 -11.08
C VAL C 31 -4.41 -45.90 -9.89
N PRO C 32 -3.99 -46.25 -8.64
CA PRO C 32 -4.40 -45.53 -7.44
C PRO C 32 -4.07 -44.04 -7.53
N VAL C 33 -4.91 -43.21 -6.92
CA VAL C 33 -4.51 -41.83 -6.69
C VAL C 33 -3.35 -41.85 -5.69
N PRO C 34 -2.14 -41.35 -6.06
CA PRO C 34 -1.08 -41.12 -5.08
C PRO C 34 -1.51 -40.24 -3.92
N PRO C 35 -0.84 -40.37 -2.74
CA PRO C 35 -1.11 -39.46 -1.63
C PRO C 35 -0.92 -38.00 -2.07
N LEU C 36 -1.75 -37.09 -1.55
CA LEU C 36 -1.69 -35.70 -1.96
C LEU C 36 -0.28 -35.16 -1.79
N GLU C 37 0.42 -35.62 -0.75
CA GLU C 37 1.77 -35.14 -0.53
C GLU C 37 2.69 -35.48 -1.70
N GLU C 38 2.42 -36.58 -2.44
CA GLU C 38 3.26 -36.94 -3.60
C GLU C 38 3.08 -35.90 -4.73
N PHE C 39 1.82 -35.49 -4.98
CA PHE C 39 1.49 -34.42 -5.93
C PHE C 39 2.17 -33.11 -5.54
N ILE C 40 1.97 -32.69 -4.29
CA ILE C 40 2.56 -31.44 -3.82
C ILE C 40 4.09 -31.45 -3.94
N LYS C 41 4.73 -32.58 -3.60
CA LYS C 41 6.18 -32.73 -3.76
C LYS C 41 6.59 -32.58 -5.24
N SER C 42 5.66 -32.78 -6.19
CA SER C 42 5.89 -32.67 -7.64
C SER C 42 5.74 -31.25 -8.20
N ASN C 43 5.26 -30.28 -7.38
CA ASN C 43 4.92 -28.95 -7.82
C ASN C 43 6.16 -28.18 -8.24
N PRO C 44 6.08 -27.34 -9.32
CA PRO C 44 4.97 -27.37 -10.28
C PRO C 44 5.21 -28.29 -11.47
N LEU C 45 4.14 -28.68 -12.15
CA LEU C 45 4.26 -29.43 -13.41
C LEU C 45 3.71 -28.63 -14.61
N GLN C 46 4.05 -29.08 -15.82
CA GLN C 46 3.51 -28.57 -17.08
C GLN C 46 2.87 -29.73 -17.84
N PHE C 47 1.78 -29.42 -18.57
CA PHE C 47 1.12 -30.41 -19.41
C PHE C 47 1.77 -30.49 -20.80
N ALA C 48 2.51 -31.58 -21.04
CA ALA C 48 3.19 -31.86 -22.31
C ALA C 48 2.20 -32.36 -23.37
N TYR C 49 1.10 -33.02 -22.96
CA TYR C 49 0.05 -33.48 -23.86
C TYR C 49 -1.31 -33.23 -23.22
N VAL C 50 -2.26 -32.77 -24.03
CA VAL C 50 -3.64 -32.58 -23.61
C VAL C 50 -4.52 -32.83 -24.83
N LEU C 51 -5.85 -32.84 -24.61
CA LEU C 51 -6.82 -33.00 -25.69
C LEU C 51 -7.24 -31.61 -26.23
N THR C 52 -8.11 -30.92 -25.48
CA THR C 52 -8.51 -29.53 -25.72
C THR C 52 -7.33 -28.57 -25.53
N ASP C 53 -7.37 -27.50 -26.34
CA ASP C 53 -6.35 -26.45 -26.39
C ASP C 53 -6.50 -25.46 -25.23
N THR C 54 -7.60 -25.53 -24.46
CA THR C 54 -7.74 -24.89 -23.15
C THR C 54 -6.50 -25.06 -22.26
N PHE C 55 -5.87 -26.25 -22.29
CA PHE C 55 -4.83 -26.67 -21.34
C PHE C 55 -3.47 -26.68 -22.02
N ASP C 56 -3.42 -25.94 -23.15
CA ASP C 56 -2.17 -25.65 -23.80
C ASP C 56 -1.41 -24.65 -22.91
N CYS C 57 -0.08 -24.74 -22.96
CA CYS C 57 0.83 -23.76 -22.37
C CYS C 57 0.46 -23.52 -20.90
N THR C 58 0.29 -24.63 -20.16
CA THR C 58 -0.36 -24.58 -18.86
C THR C 58 0.52 -25.24 -17.81
N THR C 59 0.53 -24.63 -16.62
CA THR C 59 1.25 -25.11 -15.45
C THR C 59 0.22 -25.65 -14.45
N ARG C 60 0.58 -26.78 -13.82
CA ARG C 60 -0.25 -27.38 -12.79
C ARG C 60 0.43 -27.18 -11.42
N VAL C 61 -0.39 -26.76 -10.47
CA VAL C 61 -0.03 -26.67 -9.07
C VAL C 61 -1.15 -27.31 -8.23
N TYR C 62 -0.74 -28.17 -7.29
CA TYR C 62 -1.66 -28.81 -6.36
C TYR C 62 -1.64 -28.08 -5.00
N VAL C 63 -2.84 -27.91 -4.41
CA VAL C 63 -2.95 -27.23 -3.12
C VAL C 63 -3.63 -28.17 -2.10
N GLN C 64 -3.06 -28.21 -0.89
CA GLN C 64 -3.66 -28.86 0.25
CA GLN C 64 -3.70 -28.89 0.23
C GLN C 64 -5.01 -28.18 0.56
N PRO C 65 -6.01 -28.90 1.15
CA PRO C 65 -7.21 -28.23 1.66
C PRO C 65 -6.86 -27.09 2.62
N ALA C 66 -7.64 -25.99 2.60
CA ALA C 66 -7.51 -24.97 3.61
C ALA C 66 -7.80 -25.59 5.00
N ARG C 67 -7.03 -25.13 5.98
CA ARG C 67 -7.16 -25.45 7.40
C ARG C 67 -8.63 -25.47 7.86
N LEU C 68 -9.43 -24.47 7.44
CA LEU C 68 -10.82 -24.33 7.89
C LEU C 68 -11.82 -24.84 6.86
N SER C 69 -11.36 -25.35 5.71
CA SER C 69 -12.24 -26.03 4.77
C SER C 69 -13.05 -27.09 5.52
N PRO C 70 -14.40 -27.02 5.53
CA PRO C 70 -15.20 -28.04 6.22
C PRO C 70 -15.12 -29.41 5.53
N ASN C 71 -15.12 -29.45 4.18
CA ASN C 71 -15.05 -30.70 3.41
C ASN C 71 -13.61 -31.18 3.21
N GLN C 72 -12.59 -30.35 3.46
CA GLN C 72 -11.20 -30.77 3.34
C GLN C 72 -10.85 -31.28 1.93
N ALA C 73 -11.45 -30.71 0.86
CA ALA C 73 -11.05 -31.03 -0.50
C ALA C 73 -9.73 -30.35 -0.86
N ALA C 74 -8.85 -31.07 -1.56
CA ALA C 74 -7.68 -30.46 -2.17
C ALA C 74 -8.11 -29.68 -3.42
N THR C 75 -7.17 -28.90 -4.01
CA THR C 75 -7.45 -28.10 -5.19
C THR C 75 -6.33 -28.30 -6.20
N ALA C 76 -6.75 -28.55 -7.46
CA ALA C 76 -5.83 -28.54 -8.59
C ALA C 76 -5.96 -27.19 -9.30
N LEU C 77 -4.79 -26.56 -9.55
CA LEU C 77 -4.70 -25.26 -10.19
C LEU C 77 -4.15 -25.49 -11.60
N ASP C 78 -4.91 -25.00 -12.60
CA ASP C 78 -4.43 -24.93 -13.96
C ASP C 78 -4.19 -23.48 -14.35
N ILE C 79 -2.93 -23.13 -14.61
CA ILE C 79 -2.46 -21.75 -14.76
C ILE C 79 -1.86 -21.57 -16.15
N ARG C 80 -2.46 -20.62 -16.89
CA ARG C 80 -2.05 -20.28 -18.24
C ARG C 80 -1.91 -18.77 -18.28
N GLY C 81 -0.65 -18.30 -18.18
CA GLY C 81 -0.33 -16.89 -18.03
C GLY C 81 -0.97 -16.29 -16.79
N SER C 82 -1.96 -15.41 -17.05
CA SER C 82 -2.67 -14.66 -16.02
C SER C 82 -4.07 -15.21 -15.79
N ARG C 83 -4.39 -16.32 -16.45
CA ARG C 83 -5.68 -16.97 -16.27
C ARG C 83 -5.48 -18.26 -15.45
N ILE C 84 -6.50 -18.67 -14.68
CA ILE C 84 -6.42 -19.86 -13.88
C ILE C 84 -7.78 -20.54 -13.85
N ILE C 85 -7.78 -21.87 -14.00
CA ILE C 85 -8.92 -22.76 -13.75
C ILE C 85 -8.63 -23.56 -12.47
N THR C 86 -9.62 -23.57 -11.58
CA THR C 86 -9.46 -24.22 -10.28
C THR C 86 -10.56 -25.28 -10.11
N ASN C 87 -10.11 -26.44 -9.62
CA ASN C 87 -10.96 -27.59 -9.32
C ASN C 87 -10.57 -28.18 -7.97
N ASP C 88 -11.51 -28.12 -7.03
CA ASP C 88 -11.46 -28.92 -5.83
C ASP C 88 -11.58 -30.38 -6.28
N PHE C 89 -10.94 -31.30 -5.55
CA PHE C 89 -11.08 -32.70 -5.88
C PHE C 89 -10.96 -33.57 -4.63
N VAL C 90 -11.75 -34.67 -4.65
CA VAL C 90 -11.71 -35.72 -3.64
C VAL C 90 -11.68 -37.10 -4.31
N GLY C 91 -11.19 -38.11 -3.55
CA GLY C 91 -11.24 -39.50 -3.96
C GLY C 91 -12.68 -39.98 -4.13
N GLY C 92 -12.89 -40.88 -5.11
CA GLY C 92 -14.19 -41.51 -5.33
C GLY C 92 -14.06 -42.98 -5.69
N PRO C 93 -15.21 -43.68 -5.87
CA PRO C 93 -15.20 -45.07 -6.36
C PRO C 93 -14.29 -45.36 -7.56
N ASN C 94 -13.50 -46.42 -7.44
CA ASN C 94 -12.80 -47.07 -8.56
C ASN C 94 -11.55 -46.28 -8.96
N ASN C 95 -10.70 -45.96 -7.96
CA ASN C 95 -9.50 -45.14 -8.14
C ASN C 95 -9.81 -43.79 -8.83
N SER C 96 -11.01 -43.23 -8.58
CA SER C 96 -11.43 -41.97 -9.21
C SER C 96 -11.05 -40.75 -8.34
N ALA C 97 -10.84 -39.62 -9.05
CA ALA C 97 -10.87 -38.29 -8.47
C ALA C 97 -12.12 -37.59 -8.98
N ILE C 98 -12.99 -37.14 -8.06
CA ILE C 98 -14.14 -36.35 -8.42
C ILE C 98 -13.77 -34.86 -8.29
N LEU C 99 -13.92 -34.10 -9.38
CA LEU C 99 -13.63 -32.66 -9.40
C LEU C 99 -14.90 -31.84 -9.20
N ASN C 100 -14.73 -30.68 -8.56
CA ASN C 100 -15.73 -29.61 -8.50
C ASN C 100 -15.06 -28.31 -8.99
N ASN C 101 -15.40 -27.91 -10.23
CA ASN C 101 -15.03 -26.61 -10.77
C ASN C 101 -15.47 -25.51 -9.80
N CYS C 102 -14.50 -24.68 -9.40
CA CYS C 102 -14.71 -23.68 -8.36
C CYS C 102 -15.48 -22.46 -8.87
N THR C 103 -15.41 -22.20 -10.19
CA THR C 103 -16.17 -21.15 -10.88
C THR C 103 -17.61 -21.58 -11.16
N THR C 104 -17.78 -22.76 -11.80
CA THR C 104 -19.05 -23.17 -12.38
C THR C 104 -19.81 -24.15 -11.48
N GLY C 105 -19.17 -24.74 -10.47
CA GLY C 105 -19.81 -25.72 -9.59
C GLY C 105 -20.02 -27.08 -10.26
N GLU C 106 -19.39 -27.28 -11.41
CA GLU C 106 -19.60 -28.42 -12.30
C GLU C 106 -18.66 -29.59 -11.95
N LYS C 107 -19.12 -30.81 -12.23
CA LYS C 107 -18.45 -32.03 -11.78
C LYS C 107 -17.82 -32.80 -12.93
N ALA C 108 -16.68 -33.43 -12.66
CA ALA C 108 -16.05 -34.36 -13.60
C ALA C 108 -15.49 -35.54 -12.79
N THR C 109 -15.59 -36.74 -13.36
CA THR C 109 -14.92 -37.90 -12.80
C THR C 109 -13.69 -38.19 -13.66
N TRP C 110 -12.51 -38.24 -13.02
CA TRP C 110 -11.23 -38.42 -13.68
C TRP C 110 -10.54 -39.69 -13.18
N TYR C 111 -9.55 -40.20 -13.92
CA TYR C 111 -8.81 -41.36 -13.48
C TYR C 111 -7.36 -41.12 -13.84
N PHE C 112 -6.45 -41.90 -13.23
CA PHE C 112 -5.05 -41.88 -13.66
C PHE C 112 -4.76 -43.10 -14.53
N GLN C 113 -4.21 -42.84 -15.72
CA GLN C 113 -3.76 -43.89 -16.62
C GLN C 113 -2.50 -44.52 -16.03
N TYR C 114 -1.67 -43.66 -15.42
CA TYR C 114 -0.50 -44.05 -14.66
C TYR C 114 -0.04 -42.84 -13.82
N THR C 115 0.72 -43.11 -12.75
CA THR C 115 1.48 -42.05 -12.12
C THR C 115 2.93 -42.51 -11.96
N ASN C 116 3.85 -41.56 -11.88
CA ASN C 116 5.25 -41.86 -11.70
C ASN C 116 5.90 -40.64 -11.05
N LEU C 117 5.46 -40.37 -9.81
CA LEU C 117 5.82 -39.19 -9.03
C LEU C 117 7.12 -39.42 -8.27
N ASN C 118 7.98 -38.39 -8.33
CA ASN C 118 9.12 -38.23 -7.44
C ASN C 118 10.15 -39.36 -7.66
N THR C 119 10.47 -39.69 -8.93
CA THR C 119 11.53 -40.63 -9.21
C THR C 119 12.82 -39.84 -9.04
N PRO C 120 14.02 -40.44 -9.11
CA PRO C 120 15.26 -39.65 -9.19
C PRO C 120 15.47 -38.82 -10.47
N ASN C 121 14.52 -38.95 -11.42
CA ASN C 121 14.46 -38.13 -12.63
C ASN C 121 13.16 -37.31 -12.62
N GLY C 122 12.59 -37.04 -11.43
CA GLY C 122 11.39 -36.24 -11.34
C GLY C 122 10.11 -37.04 -11.55
N SER C 123 9.02 -36.31 -11.79
CA SER C 123 7.64 -36.82 -11.80
C SER C 123 6.99 -36.69 -13.19
N SER C 124 6.03 -37.58 -13.44
CA SER C 124 5.15 -37.54 -14.59
C SER C 124 3.91 -38.37 -14.28
N TYR C 125 2.82 -38.07 -15.00
CA TYR C 125 1.54 -38.77 -14.91
C TYR C 125 0.67 -38.35 -16.08
N CYS C 126 -0.36 -39.17 -16.33
CA CYS C 126 -1.36 -38.89 -17.33
C CYS C 126 -2.70 -39.22 -16.68
N ALA C 127 -3.66 -38.29 -16.76
CA ALA C 127 -5.03 -38.45 -16.26
C ALA C 127 -6.00 -38.21 -17.42
N TYR C 128 -7.28 -38.54 -17.19
CA TYR C 128 -8.31 -38.55 -18.23
C TYR C 128 -9.68 -38.52 -17.60
N THR C 129 -10.64 -37.98 -18.35
CA THR C 129 -12.06 -38.06 -18.05
C THR C 129 -12.75 -38.47 -19.34
N CYS C 130 -13.89 -39.16 -19.21
CA CYS C 130 -14.50 -39.89 -20.30
C CYS C 130 -15.89 -39.32 -20.60
N ASN C 131 -16.22 -39.29 -21.88
CA ASN C 131 -17.60 -39.22 -22.34
C ASN C 131 -17.97 -40.63 -22.80
N GLY C 132 -18.43 -41.47 -21.84
CA GLY C 132 -18.61 -42.90 -22.09
C GLY C 132 -17.34 -43.56 -22.61
N GLU C 133 -17.31 -43.83 -23.92
CA GLU C 133 -16.19 -44.53 -24.55
C GLU C 133 -15.25 -43.54 -25.24
N GLU C 134 -15.68 -42.27 -25.31
CA GLU C 134 -14.87 -41.19 -25.82
C GLU C 134 -14.11 -40.53 -24.66
N ILE C 135 -12.82 -40.29 -24.91
CA ILE C 135 -12.01 -39.47 -24.02
C ILE C 135 -12.42 -37.99 -24.18
N ALA C 136 -13.09 -37.45 -23.13
CA ALA C 136 -13.51 -36.06 -23.02
C ALA C 136 -12.32 -35.11 -22.82
N GLU C 137 -11.48 -35.34 -21.79
CA GLU C 137 -10.27 -34.56 -21.62
C GLU C 137 -9.09 -35.47 -21.22
N TYR C 138 -7.87 -35.03 -21.53
CA TYR C 138 -6.65 -35.78 -21.23
C TYR C 138 -5.59 -34.78 -20.80
N LYS C 139 -4.83 -35.13 -19.74
CA LYS C 139 -3.71 -34.31 -19.27
C LYS C 139 -2.51 -35.17 -18.90
N CYS C 140 -1.38 -34.92 -19.56
CA CYS C 140 -0.14 -35.57 -19.18
C CYS C 140 0.83 -34.50 -18.68
N ALA C 141 1.19 -34.58 -17.39
CA ALA C 141 2.04 -33.58 -16.76
C ALA C 141 3.41 -34.16 -16.42
N ASN C 142 4.39 -33.25 -16.30
CA ASN C 142 5.72 -33.63 -15.92
C ASN C 142 6.49 -32.41 -15.43
N ASN C 143 7.62 -32.68 -14.77
CA ASN C 143 8.56 -31.67 -14.33
C ASN C 143 9.98 -32.09 -14.76
N ASN C 144 10.08 -32.91 -15.83
CA ASN C 144 11.38 -33.38 -16.30
C ASN C 144 11.55 -33.22 -17.83
N ASN C 145 10.93 -32.20 -18.47
CA ASN C 145 10.92 -31.98 -19.94
C ASN C 145 10.50 -33.22 -20.72
N GLY C 146 9.44 -33.90 -20.27
CA GLY C 146 8.83 -35.02 -20.98
C GLY C 146 9.76 -36.23 -21.21
N THR C 147 10.77 -36.49 -20.33
CA THR C 147 11.74 -37.57 -20.57
C THR C 147 11.30 -38.94 -20.05
N ASP C 148 10.13 -39.06 -19.41
CA ASP C 148 9.71 -40.30 -18.78
C ASP C 148 9.16 -41.28 -19.83
N PRO C 149 9.83 -42.42 -20.10
CA PRO C 149 9.37 -43.40 -21.10
C PRO C 149 7.88 -43.77 -20.98
N LEU C 150 7.38 -43.84 -19.74
CA LEU C 150 5.99 -44.16 -19.46
C LEU C 150 5.04 -43.16 -20.10
N GLN C 151 5.48 -41.89 -20.20
CA GLN C 151 4.61 -40.86 -20.75
C GLN C 151 4.40 -41.09 -22.26
N LYS C 152 5.47 -41.47 -22.97
CA LYS C 152 5.45 -41.80 -24.40
C LYS C 152 4.41 -42.89 -24.67
N GLN C 153 4.59 -44.07 -24.04
CA GLN C 153 3.71 -45.23 -24.23
C GLN C 153 2.26 -44.91 -23.85
N ALA C 154 2.04 -44.05 -22.83
CA ALA C 154 0.69 -43.80 -22.34
C ALA C 154 -0.06 -42.90 -23.32
N VAL C 155 0.70 -42.01 -23.98
CA VAL C 155 0.09 -41.12 -24.96
C VAL C 155 -0.31 -41.92 -26.20
N GLU C 156 0.64 -42.68 -26.78
CA GLU C 156 0.39 -43.59 -27.90
C GLU C 156 -0.91 -44.38 -27.70
N VAL C 157 -1.15 -44.85 -26.46
CA VAL C 157 -2.30 -45.68 -26.14
C VAL C 157 -3.57 -44.84 -26.07
N ALA C 158 -3.47 -43.64 -25.51
CA ALA C 158 -4.61 -42.75 -25.32
C ALA C 158 -5.14 -42.25 -26.67
N LYS C 159 -4.20 -42.01 -27.59
CA LYS C 159 -4.52 -41.50 -28.92
C LYS C 159 -5.41 -42.48 -29.68
N LYS C 160 -5.22 -43.81 -29.51
CA LYS C 160 -6.00 -44.85 -30.21
C LYS C 160 -7.42 -44.98 -29.64
N VAL C 161 -7.82 -44.09 -28.72
CA VAL C 161 -9.13 -44.19 -28.08
C VAL C 161 -10.05 -43.26 -28.88
N PRO C 162 -11.39 -43.48 -28.89
CA PRO C 162 -12.32 -42.55 -29.58
C PRO C 162 -12.25 -41.09 -29.13
N ASN C 163 -11.78 -40.23 -30.06
CA ASN C 163 -11.61 -38.80 -29.86
C ASN C 163 -10.18 -38.49 -29.42
N GLY C 164 -9.37 -39.53 -29.18
CA GLY C 164 -7.98 -39.39 -28.79
C GLY C 164 -7.08 -38.89 -29.93
N ASP C 165 -7.69 -38.68 -31.11
CA ASP C 165 -7.06 -38.01 -32.24
C ASP C 165 -6.78 -36.54 -31.88
N LYS C 166 -7.67 -35.92 -31.07
CA LYS C 166 -7.53 -34.54 -30.61
C LYS C 166 -6.25 -34.30 -29.78
N ILE C 167 -5.67 -35.35 -29.21
CA ILE C 167 -4.61 -35.22 -28.22
C ILE C 167 -3.34 -34.73 -28.91
N HIS C 168 -2.76 -33.63 -28.39
CA HIS C 168 -1.65 -32.98 -29.05
C HIS C 168 -0.58 -32.56 -28.03
N TYR C 169 0.69 -32.55 -28.47
CA TYR C 169 1.75 -31.87 -27.73
C TYR C 169 1.37 -30.40 -27.53
N ALA C 170 1.45 -29.94 -26.26
CA ALA C 170 0.63 -28.84 -25.76
C ALA C 170 1.49 -27.64 -25.43
N LEU C 171 2.79 -27.77 -25.72
CA LEU C 171 3.76 -26.78 -25.34
C LEU C 171 4.39 -26.19 -26.60
N ASP C 172 3.67 -26.28 -27.72
CA ASP C 172 4.07 -25.60 -28.96
C ASP C 172 3.59 -24.14 -28.91
N ASN C 173 4.50 -23.20 -29.21
CA ASN C 173 4.12 -21.82 -29.46
C ASN C 173 3.56 -21.17 -28.21
N CYS C 174 4.31 -21.25 -27.11
CA CYS C 174 3.80 -20.70 -25.87
C CYS C 174 4.41 -19.32 -25.69
N PRO C 175 3.71 -18.39 -25.02
CA PRO C 175 4.25 -17.04 -24.81
C PRO C 175 5.66 -17.03 -24.22
N GLU C 176 6.44 -16.00 -24.56
CA GLU C 176 7.75 -15.82 -23.96
C GLU C 176 7.59 -15.43 -22.48
N HIS C 177 8.63 -15.77 -21.70
CA HIS C 177 8.66 -15.58 -20.27
C HIS C 177 9.26 -14.21 -19.99
N HIS C 178 9.18 -13.76 -18.73
CA HIS C 178 9.82 -12.51 -18.32
C HIS C 178 10.56 -12.75 -17.01
N GLY C 179 11.33 -13.83 -16.99
CA GLY C 179 12.35 -14.06 -15.98
C GLY C 179 11.94 -15.12 -14.94
N CYS C 180 10.73 -15.70 -15.09
CA CYS C 180 10.31 -16.83 -14.26
C CYS C 180 10.38 -18.11 -15.09
N PHE C 181 10.72 -19.25 -14.47
CA PHE C 181 10.89 -20.52 -15.17
C PHE C 181 9.53 -21.10 -15.55
N ALA C 182 8.60 -21.16 -14.60
CA ALA C 182 7.42 -22.00 -14.74
C ALA C 182 6.14 -21.22 -15.01
N PHE C 183 6.26 -19.88 -15.09
CA PHE C 183 5.11 -18.98 -15.22
C PHE C 183 5.47 -17.84 -16.20
N TYR C 184 4.42 -17.26 -16.80
CA TYR C 184 4.63 -16.23 -17.84
C TYR C 184 3.47 -15.23 -17.79
N MET D 23 32.68 32.86 2.07
CA MET D 23 33.78 31.87 1.97
C MET D 23 33.51 30.68 2.90
N THR D 24 33.17 30.98 4.16
CA THR D 24 32.95 29.95 5.16
C THR D 24 31.56 30.14 5.82
N CYS D 25 30.89 29.03 6.18
CA CYS D 25 29.48 29.02 6.57
C CYS D 25 29.21 30.04 7.68
N ASP D 26 30.09 30.05 8.68
CA ASP D 26 30.01 30.90 9.86
C ASP D 26 29.94 32.40 9.51
N LYS D 27 30.34 32.81 8.30
CA LYS D 27 30.41 34.22 7.90
C LYS D 27 29.50 34.48 6.70
N LEU D 28 28.44 33.68 6.51
CA LEU D 28 27.45 33.94 5.46
C LEU D 28 26.51 35.06 5.93
N PRO D 29 25.76 35.74 5.01
CA PRO D 29 24.79 36.75 5.45
C PRO D 29 23.74 36.16 6.39
N LYS D 30 23.22 37.03 7.28
CA LYS D 30 22.21 36.72 8.29
C LYS D 30 21.16 37.83 8.33
N VAL D 31 20.28 37.87 7.34
CA VAL D 31 19.29 38.92 7.24
C VAL D 31 18.27 38.75 8.38
N PRO D 32 17.48 39.82 8.72
CA PRO D 32 16.48 39.70 9.77
C PRO D 32 15.48 38.64 9.32
N VAL D 33 15.02 37.83 10.28
CA VAL D 33 13.93 36.91 10.03
C VAL D 33 12.67 37.76 9.81
N PRO D 34 12.00 37.65 8.64
CA PRO D 34 10.73 38.36 8.44
C PRO D 34 9.69 37.95 9.48
N PRO D 35 8.66 38.78 9.73
CA PRO D 35 7.53 38.35 10.56
C PRO D 35 6.91 37.06 10.01
N LEU D 36 6.45 36.24 10.91
CA LEU D 36 5.82 34.98 10.57
C LEU D 36 4.75 35.16 9.50
N GLU D 37 3.95 36.22 9.58
CA GLU D 37 2.82 36.37 8.66
C GLU D 37 3.34 36.47 7.24
N GLU D 38 4.56 36.98 7.05
CA GLU D 38 5.15 37.07 5.71
C GLU D 38 5.42 35.67 5.13
N PHE D 39 5.86 34.74 6.00
CA PHE D 39 6.10 33.35 5.59
C PHE D 39 4.79 32.68 5.25
N ILE D 40 3.80 32.86 6.14
CA ILE D 40 2.49 32.27 5.94
C ILE D 40 1.80 32.81 4.67
N LYS D 41 1.97 34.10 4.37
CA LYS D 41 1.41 34.63 3.14
C LYS D 41 2.10 34.07 1.91
N SER D 42 3.34 33.57 2.06
CA SER D 42 4.06 32.91 0.96
C SER D 42 3.63 31.45 0.75
N ASN D 43 2.91 30.83 1.68
CA ASN D 43 2.57 29.42 1.60
C ASN D 43 1.81 29.12 0.31
N PRO D 44 1.99 27.93 -0.32
CA PRO D 44 3.10 27.00 -0.08
C PRO D 44 4.30 27.31 -0.98
N LEU D 45 5.51 26.94 -0.54
CA LEU D 45 6.73 27.06 -1.34
C LEU D 45 7.28 25.67 -1.69
N GLN D 46 8.21 25.63 -2.65
CA GLN D 46 8.98 24.43 -3.01
C GLN D 46 10.46 24.77 -2.89
N PHE D 47 11.31 23.76 -2.57
CA PHE D 47 12.74 23.99 -2.50
C PHE D 47 13.38 23.75 -3.88
N ALA D 48 14.04 24.79 -4.42
CA ALA D 48 14.68 24.69 -5.73
C ALA D 48 16.12 24.15 -5.58
N TYR D 49 16.77 24.48 -4.48
CA TYR D 49 18.11 24.00 -4.14
C TYR D 49 18.16 23.60 -2.69
N VAL D 50 18.68 22.40 -2.43
CA VAL D 50 18.89 21.90 -1.08
C VAL D 50 20.28 21.24 -1.01
N LEU D 51 20.76 20.92 0.19
CA LEU D 51 21.98 20.14 0.37
C LEU D 51 21.69 18.63 0.33
N THR D 52 21.10 18.06 1.41
CA THR D 52 20.82 16.63 1.50
C THR D 52 19.57 16.32 0.68
N ASP D 53 19.46 15.07 0.20
CA ASP D 53 18.42 14.73 -0.75
C ASP D 53 17.11 14.43 -0.01
N THR D 54 17.14 14.44 1.33
CA THR D 54 15.92 14.46 2.11
C THR D 54 14.93 15.54 1.64
N PHE D 55 15.42 16.69 1.15
CA PHE D 55 14.57 17.85 0.86
C PHE D 55 14.37 18.03 -0.65
N ASP D 56 14.62 16.95 -1.40
CA ASP D 56 14.24 16.91 -2.80
C ASP D 56 12.72 16.77 -2.91
N CYS D 57 12.18 17.37 -3.97
CA CYS D 57 10.81 17.19 -4.41
C CYS D 57 9.85 17.51 -3.24
N THR D 58 10.15 18.61 -2.52
CA THR D 58 9.55 18.96 -1.24
C THR D 58 8.80 20.31 -1.30
N THR D 59 7.62 20.34 -0.63
CA THR D 59 6.80 21.52 -0.41
C THR D 59 6.97 21.97 1.04
N ARG D 60 7.17 23.28 1.21
CA ARG D 60 7.26 23.91 2.51
C ARG D 60 5.94 24.63 2.80
N VAL D 61 5.40 24.35 4.00
CA VAL D 61 4.25 25.08 4.54
C VAL D 61 4.63 25.55 5.96
N TYR D 62 4.40 26.85 6.22
CA TYR D 62 4.57 27.38 7.58
C TYR D 62 3.24 27.42 8.33
N VAL D 63 3.31 27.17 9.65
CA VAL D 63 2.13 27.13 10.53
C VAL D 63 2.40 28.01 11.76
N GLN D 64 1.41 28.88 12.06
CA GLN D 64 1.40 29.68 13.30
CA GLN D 64 1.33 29.67 13.29
C GLN D 64 1.40 28.75 14.50
N PRO D 65 1.82 29.24 15.69
CA PRO D 65 1.71 28.44 16.89
C PRO D 65 0.24 28.13 17.18
N ALA D 66 -0.02 26.96 17.77
CA ALA D 66 -1.34 26.64 18.28
C ALA D 66 -1.73 27.67 19.34
N ARG D 67 -3.03 27.98 19.38
CA ARG D 67 -3.55 28.94 20.35
CA ARG D 67 -3.65 28.86 20.37
C ARG D 67 -3.17 28.55 21.78
N LEU D 68 -3.20 27.25 22.11
CA LEU D 68 -2.91 26.81 23.47
C LEU D 68 -1.45 26.41 23.66
N SER D 69 -0.57 26.65 22.68
CA SER D 69 0.82 26.23 22.79
C SER D 69 1.52 27.12 23.81
N PRO D 70 2.10 26.53 24.89
CA PRO D 70 2.76 27.31 25.92
C PRO D 70 3.91 28.18 25.41
N ASN D 71 4.74 27.65 24.50
CA ASN D 71 5.89 28.42 24.03
C ASN D 71 5.60 29.26 22.78
N GLN D 72 4.47 29.04 22.12
CA GLN D 72 4.10 29.82 20.94
C GLN D 72 5.16 29.66 19.82
N ALA D 73 5.72 28.47 19.66
CA ALA D 73 6.61 28.22 18.54
C ALA D 73 5.80 28.02 17.27
N ALA D 74 6.28 28.59 16.16
CA ALA D 74 5.75 28.29 14.83
C ALA D 74 6.25 26.93 14.37
N THR D 75 5.71 26.41 13.28
CA THR D 75 6.11 25.10 12.77
C THR D 75 6.37 25.23 11.26
N ALA D 76 7.54 24.73 10.84
CA ALA D 76 7.83 24.52 9.42
C ALA D 76 7.49 23.07 9.09
N LEU D 77 6.71 22.90 8.01
CA LEU D 77 6.35 21.59 7.49
C LEU D 77 7.16 21.36 6.22
N ASP D 78 7.83 20.19 6.12
CA ASP D 78 8.58 19.82 4.92
C ASP D 78 7.99 18.53 4.39
N ILE D 79 7.22 18.68 3.32
CA ILE D 79 6.32 17.67 2.82
C ILE D 79 6.85 17.12 1.48
N ARG D 80 7.07 15.80 1.43
CA ARG D 80 7.53 15.14 0.22
C ARG D 80 6.58 13.98 -0.06
N GLY D 81 5.67 14.21 -0.99
CA GLY D 81 4.59 13.26 -1.20
C GLY D 81 3.83 13.03 0.10
N SER D 82 3.88 11.79 0.62
CA SER D 82 3.08 11.36 1.74
C SER D 82 3.87 11.40 3.02
N ARG D 83 5.12 11.86 2.96
CA ARG D 83 5.93 11.96 4.16
C ARG D 83 6.13 13.41 4.58
N ILE D 84 5.99 13.69 5.90
CA ILE D 84 6.16 15.04 6.43
C ILE D 84 7.19 15.05 7.55
N ILE D 85 8.10 16.03 7.46
CA ILE D 85 9.04 16.41 8.50
C ILE D 85 8.56 17.73 9.12
N THR D 86 8.60 17.81 10.45
CA THR D 86 8.10 18.98 11.16
C THR D 86 9.15 19.46 12.14
N ASN D 87 9.33 20.79 12.16
CA ASN D 87 10.22 21.50 13.05
C ASN D 87 9.51 22.76 13.57
N ASP D 88 9.26 22.78 14.89
CA ASP D 88 8.88 24.00 15.58
C ASP D 88 10.08 24.93 15.49
N PHE D 89 9.83 26.24 15.53
CA PHE D 89 10.94 27.18 15.61
C PHE D 89 10.52 28.45 16.33
N VAL D 90 11.53 29.08 16.93
CA VAL D 90 11.42 30.40 17.54
C VAL D 90 12.67 31.17 17.13
N GLY D 91 12.59 32.50 17.18
CA GLY D 91 13.75 33.33 16.88
C GLY D 91 14.81 33.21 17.97
N GLY D 92 16.09 33.23 17.59
CA GLY D 92 17.16 33.26 18.57
C GLY D 92 18.04 34.49 18.36
N PRO D 93 19.12 34.65 19.17
CA PRO D 93 20.22 35.57 18.86
C PRO D 93 20.74 35.65 17.42
N ASN D 94 21.16 36.84 16.99
CA ASN D 94 21.93 37.07 15.78
C ASN D 94 21.12 36.75 14.53
N ASN D 95 19.81 37.05 14.59
CA ASN D 95 18.90 36.85 13.48
C ASN D 95 18.78 35.35 13.17
N SER D 96 18.83 34.51 14.21
CA SER D 96 18.77 33.07 14.07
C SER D 96 17.31 32.60 14.22
N ALA D 97 17.02 31.41 13.69
CA ALA D 97 15.85 30.62 14.07
C ALA D 97 16.33 29.33 14.72
N ILE D 98 15.84 29.03 15.93
CA ILE D 98 16.13 27.79 16.64
C ILE D 98 15.04 26.75 16.37
N LEU D 99 15.43 25.64 15.74
CA LEU D 99 14.52 24.57 15.37
C LEU D 99 14.50 23.45 16.40
N ASN D 100 13.33 22.82 16.49
CA ASN D 100 13.09 21.68 17.34
C ASN D 100 12.40 20.60 16.52
N ASN D 101 13.15 19.56 16.14
CA ASN D 101 12.57 18.46 15.37
C ASN D 101 11.49 17.80 16.23
N CYS D 102 10.28 17.74 15.69
CA CYS D 102 9.13 17.33 16.47
C CYS D 102 9.13 15.83 16.78
N THR D 103 9.89 15.06 15.98
CA THR D 103 9.96 13.61 16.05
C THR D 103 11.14 13.19 16.93
N THR D 104 12.30 13.85 16.80
CA THR D 104 13.48 13.47 17.56
C THR D 104 13.75 14.39 18.75
N GLY D 105 13.33 15.66 18.69
CA GLY D 105 13.59 16.62 19.77
C GLY D 105 14.97 17.26 19.65
N GLU D 106 15.59 17.05 18.48
CA GLU D 106 16.88 17.59 18.10
C GLU D 106 16.77 19.07 17.71
N LYS D 107 17.75 19.86 18.17
CA LYS D 107 17.79 21.29 17.90
C LYS D 107 18.75 21.60 16.76
N ALA D 108 18.59 22.81 16.21
CA ALA D 108 19.49 23.30 15.19
C ALA D 108 19.30 24.79 15.03
N THR D 109 20.41 25.52 14.90
CA THR D 109 20.39 26.96 14.72
C THR D 109 20.49 27.23 13.22
N TRP D 110 19.52 28.01 12.69
CA TRP D 110 19.46 28.34 11.26
C TRP D 110 19.53 29.86 11.05
N TYR D 111 19.84 30.28 9.80
CA TYR D 111 19.95 31.68 9.44
C TYR D 111 19.39 31.85 8.04
N PHE D 112 19.06 33.10 7.70
CA PHE D 112 18.67 33.43 6.34
C PHE D 112 19.80 34.20 5.66
N GLN D 113 20.28 33.62 4.57
CA GLN D 113 21.23 34.23 3.65
C GLN D 113 20.59 35.48 3.04
N TYR D 114 19.33 35.34 2.57
CA TYR D 114 18.51 36.48 2.20
C TYR D 114 17.04 36.08 2.27
N THR D 115 16.12 37.08 2.34
CA THR D 115 14.72 36.79 2.09
C THR D 115 14.14 37.83 1.13
N ASN D 116 13.16 37.39 0.35
CA ASN D 116 12.48 38.28 -0.56
C ASN D 116 11.02 37.82 -0.68
N LEU D 117 10.24 38.04 0.39
CA LEU D 117 8.88 37.52 0.47
C LEU D 117 7.86 38.53 -0.04
N ASN D 118 6.93 38.02 -0.84
CA ASN D 118 5.68 38.67 -1.21
C ASN D 118 5.95 39.93 -2.05
N THR D 119 6.91 39.82 -2.99
CA THR D 119 7.01 40.76 -4.08
C THR D 119 5.85 40.56 -5.03
N PRO D 120 5.61 41.50 -5.98
CA PRO D 120 4.68 41.27 -7.08
C PRO D 120 5.04 40.10 -7.98
N ASN D 121 6.19 39.45 -7.75
CA ASN D 121 6.61 38.26 -8.48
C ASN D 121 6.73 37.07 -7.52
N GLY D 122 6.12 37.18 -6.32
CA GLY D 122 6.11 36.11 -5.34
C GLY D 122 7.28 36.17 -4.38
N SER D 123 7.58 35.00 -3.79
CA SER D 123 8.52 34.92 -2.69
C SER D 123 9.68 33.98 -3.02
N SER D 124 10.84 34.30 -2.47
CA SER D 124 11.95 33.37 -2.47
C SER D 124 12.76 33.69 -1.22
N TYR D 125 13.53 32.70 -0.78
CA TYR D 125 14.50 32.91 0.29
C TYR D 125 15.49 31.74 0.23
N CYS D 126 16.63 31.91 0.89
CA CYS D 126 17.56 30.81 1.12
C CYS D 126 17.96 30.86 2.57
N ALA D 127 17.85 29.72 3.26
CA ALA D 127 18.29 29.58 4.64
C ALA D 127 19.31 28.45 4.71
N TYR D 128 20.02 28.37 5.84
CA TYR D 128 21.17 27.49 6.00
C TYR D 128 21.38 27.24 7.48
N THR D 129 21.95 26.06 7.78
CA THR D 129 22.52 25.77 9.09
C THR D 129 23.94 25.24 8.85
N CYS D 130 24.82 25.42 9.86
CA CYS D 130 26.27 25.22 9.70
C CYS D 130 26.78 24.08 10.59
N ASN D 131 27.84 23.43 10.11
CA ASN D 131 28.74 22.67 10.97
C ASN D 131 30.09 23.40 11.02
N GLY D 132 30.23 24.30 12.01
CA GLY D 132 31.31 25.27 12.07
C GLY D 132 31.41 26.10 10.79
N GLU D 133 32.30 25.63 9.91
CA GLU D 133 32.71 26.37 8.73
C GLU D 133 32.13 25.71 7.47
N GLU D 134 31.64 24.48 7.62
CA GLU D 134 30.89 23.82 6.55
C GLU D 134 29.39 24.07 6.73
N ILE D 135 28.69 24.12 5.60
CA ILE D 135 27.24 24.15 5.55
C ILE D 135 26.71 22.71 5.70
N ALA D 136 25.91 22.49 6.79
CA ALA D 136 25.23 21.23 7.07
C ALA D 136 23.90 21.07 6.31
N GLU D 137 23.09 22.15 6.17
CA GLU D 137 21.87 22.07 5.37
C GLU D 137 21.58 23.40 4.70
N TYR D 138 21.03 23.33 3.50
CA TYR D 138 20.72 24.51 2.70
C TYR D 138 19.31 24.31 2.16
N LYS D 139 18.47 25.37 2.14
CA LYS D 139 17.11 25.30 1.64
C LYS D 139 16.76 26.62 0.98
N CYS D 140 16.55 26.58 -0.35
CA CYS D 140 16.20 27.74 -1.14
C CYS D 140 14.79 27.52 -1.66
N ALA D 141 13.84 28.29 -1.12
CA ALA D 141 12.45 28.10 -1.41
C ALA D 141 11.96 29.24 -2.27
N ASN D 142 10.92 28.95 -3.05
CA ASN D 142 10.25 29.97 -3.84
C ASN D 142 8.85 29.45 -4.19
N ASN D 143 8.03 30.36 -4.69
CA ASN D 143 6.70 30.07 -5.18
C ASN D 143 6.53 30.72 -6.55
N ASN D 144 7.65 30.93 -7.27
CA ASN D 144 7.64 31.61 -8.57
C ASN D 144 8.44 30.84 -9.64
N ASN D 145 8.63 29.52 -9.49
CA ASN D 145 9.33 28.68 -10.46
C ASN D 145 10.78 29.13 -10.69
N GLY D 146 11.41 29.64 -9.62
CA GLY D 146 12.84 29.88 -9.58
C GLY D 146 13.26 31.13 -10.33
N THR D 147 12.40 32.17 -10.36
CA THR D 147 12.61 33.31 -11.25
C THR D 147 13.17 34.54 -10.52
N ASP D 148 13.43 34.46 -9.22
CA ASP D 148 13.98 35.59 -8.49
C ASP D 148 15.51 35.68 -8.70
N PRO D 149 16.03 36.79 -9.32
CA PRO D 149 17.47 37.00 -9.48
C PRO D 149 18.28 36.69 -8.23
N LEU D 150 17.80 37.14 -7.06
CA LEU D 150 18.53 36.98 -5.81
C LEU D 150 18.87 35.51 -5.55
N GLN D 151 18.05 34.60 -6.04
CA GLN D 151 18.20 33.19 -5.67
C GLN D 151 19.41 32.59 -6.40
N LYS D 152 19.61 33.01 -7.67
CA LYS D 152 20.78 32.71 -8.50
C LYS D 152 22.06 33.12 -7.76
N GLN D 153 22.21 34.44 -7.53
CA GLN D 153 23.34 35.01 -6.81
C GLN D 153 23.61 34.14 -5.58
N ALA D 154 22.56 33.88 -4.75
CA ALA D 154 22.74 33.34 -3.41
C ALA D 154 23.20 31.89 -3.46
N VAL D 155 22.68 31.12 -4.42
CA VAL D 155 23.08 29.72 -4.57
C VAL D 155 24.58 29.64 -4.95
N GLU D 156 25.01 30.42 -5.95
CA GLU D 156 26.40 30.41 -6.38
C GLU D 156 27.33 30.71 -5.21
N VAL D 157 26.96 31.64 -4.31
CA VAL D 157 27.77 31.98 -3.15
C VAL D 157 27.89 30.81 -2.19
N ALA D 158 26.78 30.09 -1.97
CA ALA D 158 26.71 29.09 -0.92
C ALA D 158 27.42 27.79 -1.34
N LYS D 159 27.29 27.45 -2.64
CA LYS D 159 28.02 26.35 -3.26
C LYS D 159 29.54 26.46 -3.08
N LYS D 160 30.07 27.69 -3.07
CA LYS D 160 31.51 27.91 -2.96
C LYS D 160 32.01 27.68 -1.55
N VAL D 161 31.12 27.46 -0.58
CA VAL D 161 31.57 27.35 0.80
C VAL D 161 31.91 25.89 1.07
N PRO D 162 32.59 25.54 2.19
CA PRO D 162 32.87 24.14 2.52
C PRO D 162 31.64 23.25 2.64
N ASN D 163 31.48 22.38 1.63
CA ASN D 163 30.49 21.31 1.60
C ASN D 163 29.34 21.68 0.65
N GLY D 164 29.31 22.95 0.20
CA GLY D 164 28.33 23.45 -0.75
C GLY D 164 28.43 22.84 -2.15
N ASP D 165 29.39 21.92 -2.35
CA ASP D 165 29.46 21.06 -3.54
C ASP D 165 28.24 20.14 -3.57
N LYS D 166 27.71 19.77 -2.39
CA LYS D 166 26.58 18.87 -2.25
C LYS D 166 25.24 19.56 -2.53
N ILE D 167 25.23 20.91 -2.61
CA ILE D 167 24.05 21.69 -2.94
C ILE D 167 23.68 21.44 -4.40
N HIS D 168 22.42 21.04 -4.62
CA HIS D 168 21.95 20.62 -5.93
C HIS D 168 20.53 21.13 -6.17
N TYR D 169 20.17 21.17 -7.45
CA TYR D 169 18.81 21.43 -7.87
C TYR D 169 17.90 20.25 -7.48
N ALA D 170 16.78 20.58 -6.82
CA ALA D 170 16.04 19.61 -6.03
C ALA D 170 14.75 19.19 -6.71
N LEU D 171 14.47 19.72 -7.91
CA LEU D 171 13.15 19.52 -8.51
C LEU D 171 13.29 18.75 -9.83
N ASP D 172 14.38 17.99 -10.00
CA ASP D 172 14.52 17.12 -11.17
C ASP D 172 13.82 15.78 -10.94
N ASN D 173 12.99 15.37 -11.90
CA ASN D 173 12.41 14.03 -11.94
C ASN D 173 11.48 13.78 -10.76
N CYS D 174 10.62 14.75 -10.44
CA CYS D 174 9.83 14.59 -9.23
C CYS D 174 8.60 13.79 -9.60
N PRO D 175 7.90 13.14 -8.65
CA PRO D 175 6.71 12.39 -9.04
C PRO D 175 5.59 13.23 -9.67
N GLU D 176 4.88 12.54 -10.55
CA GLU D 176 3.76 13.07 -11.29
C GLU D 176 2.59 13.27 -10.30
N HIS D 177 1.75 14.27 -10.56
CA HIS D 177 0.73 14.70 -9.62
C HIS D 177 -0.58 14.01 -9.96
N HIS D 178 -1.61 14.13 -9.08
CA HIS D 178 -2.96 13.67 -9.40
C HIS D 178 -3.98 14.76 -9.10
N GLY D 179 -3.86 15.88 -9.82
CA GLY D 179 -4.83 16.96 -9.80
C GLY D 179 -4.53 18.07 -8.79
N CYS D 180 -3.54 17.91 -7.91
CA CYS D 180 -3.15 18.98 -7.00
C CYS D 180 -1.89 19.62 -7.54
N PHE D 181 -1.81 20.94 -7.41
CA PHE D 181 -0.68 21.74 -7.87
C PHE D 181 0.55 21.53 -7.01
N ALA D 182 0.44 21.57 -5.67
CA ALA D 182 1.65 21.68 -4.85
C ALA D 182 1.94 20.41 -4.02
N PHE D 183 1.14 19.34 -4.20
CA PHE D 183 1.26 18.10 -3.44
C PHE D 183 1.09 16.94 -4.42
N TYR D 184 1.64 15.76 -4.05
CA TYR D 184 1.62 14.62 -4.95
C TYR D 184 1.60 13.31 -4.14
C1' HBX E . 4.65 -10.61 -1.89
O1' HBX E . 3.89 -10.79 -2.83
C1 HBX E . 5.68 -11.56 -1.41
C2 HBX E . 6.56 -11.20 -0.39
C3 HBX E . 7.54 -12.08 0.03
C4 HBX E . 7.63 -13.34 -0.52
C5 HBX E . 6.75 -13.71 -1.51
C6 HBX E . 5.78 -12.83 -1.98
H1' HBX E . 4.59 -9.79 -1.43
H2 HBX E . 6.50 -10.33 -0.02
H3 HBX E . 8.13 -11.82 0.73
H4 HBX E . 8.28 -13.95 -0.20
H5 HBX E . 6.82 -14.57 -1.90
H6 HBX E . 5.19 -13.10 -2.65
C1' HBX F . -9.47 -18.96 5.82
O1' HBX F . -9.16 -18.00 6.56
C1 HBX F . -9.35 -19.00 4.31
C2 HBX F . -8.14 -19.30 3.68
C3 HBX F . -8.04 -19.30 2.29
C4 HBX F . -9.14 -19.02 1.51
C5 HBX F . -10.35 -18.76 2.11
C6 HBX F . -10.47 -18.76 3.50
H1' HBX F . -9.80 -19.74 6.23
H2 HBX F . -7.38 -19.47 4.20
H3 HBX F . -7.21 -19.49 1.89
H4 HBX F . -9.07 -19.05 0.57
H5 HBX F . -11.11 -18.57 1.58
H6 HBX F . -11.29 -18.55 3.88
CL CL G . 2.97 -11.64 0.63
S SO4 H . -10.31 -0.88 7.17
O1 SO4 H . -10.27 0.55 7.00
O2 SO4 H . -10.63 -1.47 5.88
O3 SO4 H . -9.05 -1.35 7.70
O4 SO4 H . -11.35 -1.24 8.11
S SO4 I . -10.82 -15.65 -1.26
O1 SO4 I . -11.34 -14.31 -1.42
O2 SO4 I . -9.99 -15.96 -2.40
O3 SO4 I . -11.91 -16.60 -1.19
O4 SO4 I . -10.04 -15.68 -0.05
C1' HBX J . -12.31 17.07 4.93
O1' HBX J . -11.27 16.50 5.04
C1 HBX J . -12.49 18.46 4.48
C2 HBX J . -11.42 19.20 4.00
C3 HBX J . -11.62 20.50 3.55
C4 HBX J . -12.87 21.08 3.57
C5 HBX J . -13.95 20.35 4.05
C6 HBX J . -13.76 19.05 4.50
H1' HBX J . -13.09 16.60 5.19
H2 HBX J . -10.56 18.81 3.97
H3 HBX J . -10.88 20.99 3.23
H4 HBX J . -12.99 21.97 3.27
H5 HBX J . -14.80 20.74 4.08
H6 HBX J . -14.50 18.56 4.82
C1' HBX K . -2.02 18.78 19.89
O1' HBX K . -1.54 18.81 21.02
C1 HBX K . -2.80 19.86 19.24
C2 HBX K . -2.78 19.99 17.86
C3 HBX K . -3.51 21.00 17.26
C4 HBX K . -4.25 21.87 18.03
C5 HBX K . -4.26 21.78 19.39
C6 HBX K . -3.55 20.76 20.01
H1' HBX K . -1.87 18.01 19.37
H2 HBX K . -2.29 19.39 17.34
H3 HBX K . -3.51 21.09 16.32
H4 HBX K . -4.74 22.57 17.60
H5 HBX K . -4.77 22.38 19.91
H6 HBX K . -3.55 20.68 20.94
CL CL L . -12.37 18.41 7.97
S SO4 M . -16.40 7.70 22.50
O1 SO4 M . -15.09 7.29 22.06
O2 SO4 M . -17.07 8.52 21.49
O3 SO4 M . -17.19 6.50 22.71
O4 SO4 M . -16.28 8.46 23.73
S SO4 N . -2.10 15.46 17.70
O1 SO4 N . -1.14 16.08 18.60
O2 SO4 N . -1.52 15.40 16.38
O3 SO4 N . -2.37 14.12 18.17
O4 SO4 N . -3.34 16.20 17.66
C1' HBX O . -7.44 -33.22 -13.70
O1' HBX O . -7.63 -32.05 -13.97
C1 HBX O . -7.30 -33.75 -12.34
C2 HBX O . -7.36 -35.13 -12.11
C3 HBX O . -7.22 -35.63 -10.83
C4 HBX O . -7.01 -34.78 -9.77
C5 HBX O . -6.96 -33.43 -9.98
C6 HBX O . -7.11 -32.90 -11.25
H1' HBX O . -7.38 -33.84 -14.40
H2 HBX O . -7.49 -35.72 -12.83
H3 HBX O . -7.25 -36.57 -10.68
H4 HBX O . -6.93 -35.13 -8.89
H5 HBX O . -6.82 -32.84 -9.25
H6 HBX O . -7.06 -31.97 -11.39
C1' HBX P . 7.64 -24.60 -17.88
O1' HBX P . 8.48 -23.73 -17.99
C1 HBX P . 7.48 -25.50 -16.70
C2 HBX P . 6.38 -25.37 -15.87
C3 HBX P . 6.21 -26.24 -14.79
C4 HBX P . 7.15 -27.21 -14.55
C5 HBX P . 8.25 -27.36 -15.37
C6 HBX P . 8.41 -26.52 -16.46
H1' HBX P . 7.04 -24.74 -18.59
H2 HBX P . 5.73 -24.70 -16.03
H3 HBX P . 5.47 -26.14 -14.22
H4 HBX P . 7.04 -27.79 -13.82
H5 HBX P . 8.89 -28.04 -15.20
H6 HBX P . 9.16 -26.61 -17.02
CL CL Q . -4.60 -33.70 -14.21
S SO4 R . 1.00 -34.16 -31.66
O1 SO4 R . 0.43 -32.84 -31.54
O2 SO4 R . 2.42 -34.06 -31.86
O3 SO4 R . 0.39 -34.81 -32.79
O4 SO4 R . 0.73 -34.94 -30.47
S SO4 S . 4.30 -23.25 -19.32
O1 SO4 S . 5.60 -22.70 -19.01
O2 SO4 S . 3.94 -22.84 -20.65
O3 SO4 S . 4.29 -24.71 -19.27
O4 SO4 S . 3.33 -22.74 -18.36
S SO4 T . 14.40 -18.94 -14.94
O1 SO4 T . 15.76 -19.37 -14.68
O2 SO4 T . 14.39 -17.55 -15.28
O3 SO4 T . 13.85 -19.69 -16.04
O4 SO4 T . 13.61 -19.17 -13.74
C1' HBX U . 14.72 25.13 8.21
O1' HBX U . 14.10 24.20 7.78
C1 HBX U . 14.10 26.31 8.83
C2 HBX U . 12.80 26.22 9.34
C3 HBX U . 12.22 27.34 9.92
C4 HBX U . 12.90 28.52 10.00
C5 HBX U . 14.19 28.60 9.52
C6 HBX U . 14.81 27.50 8.93
H1' HBX U . 15.66 25.11 8.15
H2 HBX U . 12.33 25.41 9.26
H3 HBX U . 11.34 27.28 10.25
H4 HBX U . 12.51 29.28 10.40
H5 HBX U . 14.67 29.41 9.58
H6 HBX U . 15.67 27.57 8.59
C1' HBX V . 5.47 26.83 -7.38
O1' HBX V . 6.54 27.47 -7.55
C1 HBX V . 5.19 25.78 -6.33
C2 HBX V . 5.05 24.44 -6.68
C3 HBX V . 4.83 23.47 -5.71
C4 HBX V . 4.66 23.83 -4.39
C5 HBX V . 4.78 25.16 -4.02
C6 HBX V . 5.01 26.12 -4.99
H1' HBX V . 4.75 27.02 -7.97
H2 HBX V . 5.16 24.18 -7.57
H3 HBX V . 4.74 22.57 -5.97
H4 HBX V . 4.49 23.17 -3.73
H5 HBX V . 4.67 25.41 -3.12
H6 HBX V . 5.10 27.03 -4.73
C1 GOL W . 6.40 19.67 -7.01
O1 GOL W . 4.98 19.85 -6.89
C2 GOL W . 6.99 19.47 -5.64
O2 GOL W . 7.98 20.48 -5.36
C3 GOL W . 5.89 19.49 -4.60
O3 GOL W . 6.28 18.93 -3.35
H11 GOL W . 6.79 20.46 -7.44
H12 GOL W . 6.58 18.87 -7.57
HO1 GOL W . 4.64 19.97 -7.65
H2 GOL W . 7.44 18.59 -5.61
HO2 GOL W . 7.72 20.89 -4.66
H31 GOL W . 5.11 18.98 -4.94
H32 GOL W . 5.60 20.43 -4.46
HO3 GOL W . 7.12 19.03 -3.26
C1 GOL X . 22.69 37.02 -3.06
O1 GOL X . 21.35 37.34 -3.45
C2 GOL X . 22.81 36.64 -1.59
O2 GOL X . 21.94 37.47 -0.82
C3 GOL X . 24.24 36.73 -1.07
O3 GOL X . 24.73 35.50 -0.56
H11 GOL X . 23.28 37.79 -3.25
H12 GOL X . 23.01 36.26 -3.61
HO1 GOL X . 21.32 37.56 -4.27
H2 GOL X . 22.52 35.71 -1.50
HO2 GOL X . 22.30 37.95 -0.34
H31 GOL X . 24.28 37.41 -0.36
H32 GOL X . 24.83 37.03 -1.80
HO3 GOL X . 24.47 35.42 0.24
CL CL Y . 14.03 26.66 5.42
S SO4 Z . 23.09 21.75 -9.58
O1 SO4 Z . 24.43 21.51 -10.10
O2 SO4 Z . 22.41 22.72 -10.39
O3 SO4 Z . 22.35 20.51 -9.60
O4 SO4 Z . 23.23 22.26 -8.24
S SO4 AA . 6.90 37.35 14.28
O1 SO4 AA . 7.78 38.40 14.73
O2 SO4 AA . 5.81 37.95 13.53
O3 SO4 AA . 7.63 36.44 13.42
O4 SO4 AA . 6.39 36.62 15.41
#